data_6NOV
#
_entry.id   6NOV
#
_cell.length_a   118.404
_cell.length_b   197.497
_cell.length_c   44.540
_cell.angle_alpha   90.000
_cell.angle_beta   90.000
_cell.angle_gamma   90.000
#
_symmetry.space_group_name_H-M   'P 21 21 2'
#
loop_
_entity.id
_entity.type
_entity.pdbx_description
1 polymer 'Fab Heavy Chain'
2 polymer 'Fab Light Chain'
3 non-polymer 'DODECAETHYLENE GLYCOL'
4 water water
#
loop_
_entity_poly.entity_id
_entity_poly.type
_entity_poly.pdbx_seq_one_letter_code
_entity_poly.pdbx_strand_id
1 'polypeptide(L)'
;QVQLVQSGAEVKKPGSSVKVSCKASGYSFTDYHIHWVRQAPGQGLEWMGVINPMYGTTDYNQRFKGRVTITADESTSTAY
MELSSLRSEDTAVYYCARYDYFTGTGVYWGQGTLVTVSSASTKGPSVFPLAPSSKSTSGGTAALGCLVKDYFPEPVTVSW
NSGALTSGVHTFPAVLQSSGLYSLSSVVTVPSSSLGTQTYICNVNHKPSNTKVDKKVEPKSCDKTH
;
A,C
2 'polypeptide(L)'
;DIVMTQTPLSLSVTPGQPASISCRSSRSLVHSRGNTYLHWYLQKPGQSPQLLIYKVSNRFIGVPDRFSGSGSGTDFTLKI
SRVEAEDVGVYYCSQSTHLPFTFGQGTKLEIKRTVAAPSVFIFPPSDEQLKSGTASVVCLLNNFYPREAKVQWKVDNALQ
SGNSQESVTEQDSKDSTYSLSSTLTLSKADYEKHKVYACEVTHQGLSSPVTKSFNRGEC
;
B,D
#
loop_
_chem_comp.id
_chem_comp.type
_chem_comp.name
_chem_comp.formula
12P non-polymer 'DODECAETHYLENE GLYCOL' 'C24 H50 O13'
#
# COMPACT_ATOMS: atom_id res chain seq x y z
N GLN A 1 3.90 13.17 -11.41
CA GLN A 1 4.11 12.85 -9.99
C GLN A 1 2.99 13.47 -9.15
N VAL A 2 2.63 12.86 -7.99
CA VAL A 2 1.57 13.40 -7.11
C VAL A 2 2.09 14.66 -6.37
N GLN A 3 1.39 15.80 -6.52
CA GLN A 3 1.79 17.06 -5.87
C GLN A 3 0.61 17.81 -5.29
N LEU A 4 0.76 18.30 -4.06
CA LEU A 4 -0.20 19.15 -3.42
C LEU A 4 0.54 20.47 -3.17
N VAL A 5 0.11 21.58 -3.84
CA VAL A 5 0.71 22.93 -3.72
C VAL A 5 -0.31 23.83 -3.01
N GLN A 6 0.08 24.39 -1.86
CA GLN A 6 -0.81 25.22 -1.05
C GLN A 6 -0.60 26.72 -1.30
N SER A 7 -1.58 27.55 -0.88
CA SER A 7 -1.50 29.02 -1.02
C SER A 7 -0.47 29.58 -0.02
N GLY A 8 -0.01 30.80 -0.29
CA GLY A 8 1.01 31.50 0.48
C GLY A 8 0.65 31.84 1.90
N ALA A 9 1.69 32.06 2.74
CA ALA A 9 1.51 32.43 4.16
C ALA A 9 0.79 33.77 4.32
N GLU A 10 0.17 34.05 5.47
CA GLU A 10 -0.46 35.35 5.64
C GLU A 10 -0.77 35.66 7.09
N VAL A 11 -0.77 36.97 7.46
CA VAL A 11 -1.21 37.43 8.77
C VAL A 11 -2.72 37.73 8.64
N LYS A 12 -3.49 37.36 9.65
CA LYS A 12 -4.92 37.61 9.71
C LYS A 12 -5.29 38.19 11.06
N LYS A 13 -6.14 39.25 11.06
CA LYS A 13 -6.61 39.94 12.27
C LYS A 13 -7.38 38.98 13.20
N PRO A 14 -7.26 39.08 14.55
CA PRO A 14 -8.03 38.15 15.40
C PRO A 14 -9.52 38.39 15.21
N GLY A 15 -10.28 37.30 15.17
CA GLY A 15 -11.73 37.33 14.94
C GLY A 15 -12.13 37.11 13.49
N SER A 16 -11.20 37.40 12.54
CA SER A 16 -11.42 37.25 11.10
C SER A 16 -11.40 35.78 10.64
N SER A 17 -11.50 35.57 9.33
CA SER A 17 -11.52 34.24 8.73
C SER A 17 -10.45 34.11 7.67
N VAL A 18 -9.84 32.93 7.60
CA VAL A 18 -8.82 32.65 6.59
C VAL A 18 -9.31 31.45 5.79
N LYS A 19 -8.92 31.40 4.52
CA LYS A 19 -9.24 30.31 3.63
C LYS A 19 -7.91 29.89 2.98
N VAL A 20 -7.54 28.63 3.16
CA VAL A 20 -6.30 28.09 2.62
C VAL A 20 -6.68 27.14 1.50
N SER A 21 -5.98 27.25 0.38
CA SER A 21 -6.20 26.43 -0.80
C SER A 21 -5.12 25.36 -0.92
N CYS A 22 -5.43 24.28 -1.63
CA CYS A 22 -4.58 23.15 -1.86
C CYS A 22 -4.86 22.66 -3.27
N LYS A 23 -3.87 22.80 -4.17
CA LYS A 23 -3.99 22.43 -5.56
C LYS A 23 -3.35 21.08 -5.78
N ALA A 24 -4.18 20.07 -6.13
CA ALA A 24 -3.74 18.70 -6.35
C ALA A 24 -3.48 18.40 -7.80
N SER A 25 -2.39 17.67 -8.09
CA SER A 25 -2.03 17.28 -9.46
C SER A 25 -1.29 15.94 -9.51
N GLY A 26 -1.34 15.29 -10.67
CA GLY A 26 -0.65 14.04 -10.91
C GLY A 26 -1.46 12.79 -10.64
N TYR A 27 -2.77 12.96 -10.34
CA TYR A 27 -3.76 11.91 -10.10
C TYR A 27 -5.15 12.48 -10.38
N SER A 28 -6.18 11.62 -10.36
CA SER A 28 -7.56 12.00 -10.61
C SER A 28 -8.14 12.47 -9.28
N PHE A 29 -8.31 13.78 -9.17
CA PHE A 29 -8.75 14.52 -7.98
C PHE A 29 -9.88 13.91 -7.17
N THR A 30 -10.99 13.48 -7.80
CA THR A 30 -12.13 13.01 -7.02
C THR A 30 -11.92 11.61 -6.45
N ASP A 31 -10.90 10.87 -6.90
CA ASP A 31 -10.62 9.50 -6.41
C ASP A 31 -10.06 9.44 -4.96
N TYR A 32 -9.51 10.54 -4.43
CA TYR A 32 -8.86 10.46 -3.10
C TYR A 32 -9.37 11.48 -2.15
N HIS A 33 -9.41 11.13 -0.86
CA HIS A 33 -9.85 12.06 0.18
C HIS A 33 -8.73 13.03 0.50
N ILE A 34 -9.07 14.26 0.88
CA ILE A 34 -8.14 15.32 1.24
C ILE A 34 -8.42 15.67 2.67
N HIS A 35 -7.38 15.60 3.51
CA HIS A 35 -7.42 15.95 4.92
C HIS A 35 -6.63 17.18 5.22
N TRP A 36 -7.01 17.85 6.30
CA TRP A 36 -6.33 19.03 6.80
C TRP A 36 -5.81 18.76 8.22
N VAL A 37 -4.52 19.04 8.43
CA VAL A 37 -3.80 18.82 9.69
C VAL A 37 -2.97 20.09 9.95
N ARG A 38 -3.06 20.65 11.18
CA ARG A 38 -2.33 21.87 11.58
C ARG A 38 -1.22 21.59 12.62
N GLN A 39 -0.22 22.51 12.67
CA GLN A 39 0.95 22.43 13.57
C GLN A 39 1.31 23.80 14.12
N ALA A 40 0.91 24.10 15.39
CA ALA A 40 1.24 25.34 16.10
C ALA A 40 2.77 25.40 16.25
N PRO A 41 3.46 26.59 16.20
CA PRO A 41 4.94 26.58 16.24
C PRO A 41 5.52 25.83 17.42
N GLY A 42 6.50 24.98 17.10
CA GLY A 42 7.17 24.09 18.04
C GLY A 42 6.30 22.99 18.64
N GLN A 43 5.00 22.88 18.22
CA GLN A 43 4.06 21.89 18.75
C GLN A 43 3.85 20.70 17.80
N GLY A 44 2.94 19.80 18.19
CA GLY A 44 2.64 18.58 17.44
C GLY A 44 1.58 18.72 16.36
N LEU A 45 1.22 17.59 15.73
CA LEU A 45 0.27 17.53 14.63
C LEU A 45 -1.14 17.33 15.09
N GLU A 46 -2.04 18.22 14.68
CA GLU A 46 -3.45 18.16 15.06
C GLU A 46 -4.37 18.02 13.83
N TRP A 47 -5.10 16.91 13.74
CA TRP A 47 -6.03 16.64 12.66
C TRP A 47 -7.28 17.51 12.76
N MET A 48 -7.65 18.15 11.65
CA MET A 48 -8.80 19.05 11.63
C MET A 48 -10.04 18.49 10.93
N GLY A 49 -9.83 17.79 9.82
CA GLY A 49 -10.94 17.27 9.06
C GLY A 49 -10.58 16.64 7.74
N VAL A 50 -11.63 16.17 7.05
CA VAL A 50 -11.60 15.46 5.78
C VAL A 50 -12.78 15.85 4.86
N ILE A 51 -12.53 15.72 3.56
CA ILE A 51 -13.52 15.87 2.49
C ILE A 51 -13.33 14.75 1.48
N ASN A 52 -14.46 14.17 1.01
CA ASN A 52 -14.44 13.22 -0.08
C ASN A 52 -14.86 14.07 -1.28
N PRO A 53 -13.91 14.45 -2.17
CA PRO A 53 -14.28 15.32 -3.30
C PRO A 53 -15.22 14.67 -4.32
N MET A 54 -15.42 13.35 -4.23
CA MET A 54 -16.32 12.59 -5.11
C MET A 54 -17.79 12.93 -4.81
N TYR A 55 -18.12 13.21 -3.54
CA TYR A 55 -19.47 13.54 -3.09
C TYR A 55 -19.62 14.89 -2.32
N GLY A 56 -18.50 15.52 -1.95
CA GLY A 56 -18.48 16.76 -1.17
C GLY A 56 -18.80 16.53 0.29
N THR A 57 -18.75 15.27 0.74
CA THR A 57 -19.05 14.85 2.10
C THR A 57 -17.89 15.13 3.06
N THR A 58 -18.22 15.63 4.27
CA THR A 58 -17.20 16.01 5.26
C THR A 58 -17.35 15.36 6.63
N ASP A 59 -16.24 15.42 7.39
CA ASP A 59 -16.08 14.99 8.77
C ASP A 59 -15.06 15.94 9.37
N TYR A 60 -15.41 16.55 10.51
CA TYR A 60 -14.55 17.52 11.18
C TYR A 60 -14.23 17.11 12.61
N ASN A 61 -13.09 17.59 13.14
CA ASN A 61 -12.67 17.37 14.52
C ASN A 61 -13.60 18.24 15.38
N GLN A 62 -14.36 17.61 16.31
CA GLN A 62 -15.36 18.25 17.16
C GLN A 62 -14.87 19.48 17.90
N ARG A 63 -13.61 19.46 18.36
CA ARG A 63 -12.97 20.55 19.12
C ARG A 63 -12.99 21.91 18.43
N PHE A 64 -13.11 21.95 17.10
CA PHE A 64 -13.15 23.20 16.34
C PHE A 64 -14.50 23.90 16.37
N LYS A 65 -15.55 23.18 16.80
CA LYS A 65 -16.94 23.65 16.96
C LYS A 65 -17.50 24.46 15.79
N GLY A 66 -17.46 23.88 14.59
CA GLY A 66 -18.00 24.51 13.40
C GLY A 66 -17.18 25.62 12.75
N ARG A 67 -15.98 25.92 13.29
CA ARG A 67 -15.13 26.99 12.71
C ARG A 67 -14.48 26.55 11.41
N VAL A 68 -14.30 25.24 11.23
CA VAL A 68 -13.69 24.66 10.02
C VAL A 68 -14.75 24.32 8.98
N THR A 69 -14.46 24.66 7.73
CA THR A 69 -15.25 24.32 6.55
C THR A 69 -14.25 23.86 5.50
N ILE A 70 -14.38 22.62 5.06
CA ILE A 70 -13.51 22.10 4.01
C ILE A 70 -14.40 21.87 2.80
N THR A 71 -13.96 22.39 1.66
CA THR A 71 -14.65 22.30 0.38
C THR A 71 -13.66 21.90 -0.70
N ALA A 72 -14.17 21.43 -1.84
CA ALA A 72 -13.36 21.02 -2.98
C ALA A 72 -14.02 21.46 -4.25
N ASP A 73 -13.18 21.82 -5.26
CA ASP A 73 -13.62 22.21 -6.58
C ASP A 73 -12.87 21.39 -7.61
N GLU A 74 -13.59 20.45 -8.21
CA GLU A 74 -13.09 19.51 -9.21
C GLU A 74 -12.66 20.20 -10.49
N SER A 75 -13.28 21.32 -10.88
CA SER A 75 -12.87 22.05 -12.09
C SER A 75 -11.40 22.50 -12.03
N THR A 76 -10.94 22.86 -10.84
CA THR A 76 -9.58 23.34 -10.61
C THR A 76 -8.71 22.33 -9.88
N SER A 77 -9.33 21.26 -9.27
CA SER A 77 -8.63 20.18 -8.52
C SER A 77 -7.98 20.82 -7.31
N THR A 78 -8.81 21.60 -6.58
CA THR A 78 -8.42 22.43 -5.48
C THR A 78 -9.34 22.20 -4.33
N ALA A 79 -8.76 21.91 -3.15
CA ALA A 79 -9.49 21.75 -1.88
C ALA A 79 -9.14 23.00 -1.11
N TYR A 80 -10.06 23.43 -0.25
CA TYR A 80 -9.94 24.64 0.54
C TYR A 80 -10.30 24.31 1.97
N MET A 81 -9.74 25.07 2.91
CA MET A 81 -10.04 24.96 4.32
C MET A 81 -10.27 26.38 4.80
N GLU A 82 -11.44 26.61 5.41
CA GLU A 82 -11.78 27.91 5.95
C GLU A 82 -11.90 27.79 7.45
N LEU A 83 -11.17 28.64 8.17
CA LEU A 83 -11.21 28.63 9.62
C LEU A 83 -11.68 30.01 10.07
N SER A 84 -12.86 30.04 10.71
CA SER A 84 -13.49 31.27 11.15
C SER A 84 -13.17 31.61 12.60
N SER A 85 -13.42 32.88 13.00
CA SER A 85 -13.21 33.42 14.35
C SER A 85 -11.82 33.08 14.89
N LEU A 86 -10.80 33.52 14.13
CA LEU A 86 -9.37 33.29 14.36
C LEU A 86 -8.88 33.81 15.71
N ARG A 87 -8.41 32.81 16.49
CA ARG A 87 -7.86 32.90 17.85
C ARG A 87 -6.33 32.91 17.73
N SER A 88 -5.60 33.54 18.70
CA SER A 88 -4.13 33.60 18.71
C SER A 88 -3.55 32.19 18.78
N GLU A 89 -4.40 31.24 19.23
CA GLU A 89 -4.14 29.82 19.33
C GLU A 89 -4.22 29.13 17.96
N ASP A 90 -4.74 29.83 16.92
CA ASP A 90 -4.87 29.29 15.56
C ASP A 90 -3.63 29.61 14.71
N THR A 91 -2.63 30.29 15.32
CA THR A 91 -1.36 30.55 14.64
C THR A 91 -0.71 29.18 14.52
N ALA A 92 -0.56 28.70 13.27
CA ALA A 92 -0.08 27.38 12.96
C ALA A 92 0.25 27.22 11.50
N VAL A 93 1.01 26.17 11.17
CA VAL A 93 1.25 25.80 9.78
C VAL A 93 0.11 24.83 9.45
N TYR A 94 -0.68 25.15 8.43
CA TYR A 94 -1.81 24.34 7.96
C TYR A 94 -1.37 23.51 6.81
N TYR A 95 -1.61 22.21 6.88
CA TYR A 95 -1.22 21.26 5.84
C TYR A 95 -2.44 20.56 5.23
N CYS A 96 -2.37 20.26 3.95
CA CYS A 96 -3.37 19.42 3.32
C CYS A 96 -2.61 18.13 3.00
N ALA A 97 -3.27 17.00 3.13
CA ALA A 97 -2.72 15.67 2.85
C ALA A 97 -3.72 14.80 2.11
N ARG A 98 -3.21 14.08 1.12
CA ARG A 98 -3.98 13.12 0.36
C ARG A 98 -3.94 11.73 1.02
N TYR A 99 -5.12 11.25 1.49
CA TYR A 99 -5.34 9.96 2.14
C TYR A 99 -5.83 8.95 1.13
N ASP A 100 -5.45 7.67 1.34
CA ASP A 100 -5.83 6.56 0.44
C ASP A 100 -6.11 5.30 1.29
N TYR A 101 -6.91 4.35 0.77
CA TYR A 101 -7.25 3.21 1.61
C TYR A 101 -6.23 2.07 1.58
N PHE A 102 -5.21 2.10 0.69
CA PHE A 102 -4.17 1.11 0.65
C PHE A 102 -3.23 1.32 1.85
N THR A 103 -3.01 2.60 2.31
CA THR A 103 -2.17 2.90 3.50
C THR A 103 -3.07 3.23 4.68
N GLY A 104 -4.24 3.78 4.39
CA GLY A 104 -5.18 4.24 5.41
C GLY A 104 -4.76 5.59 5.96
N THR A 105 -3.69 6.19 5.36
CA THR A 105 -3.21 7.46 5.95
C THR A 105 -2.78 8.53 4.89
N GLY A 106 -2.30 9.68 5.38
CA GLY A 106 -1.77 10.77 4.56
C GLY A 106 -0.40 10.45 3.98
N VAL A 107 -0.33 10.28 2.68
CA VAL A 107 0.92 9.98 1.99
C VAL A 107 1.55 11.25 1.40
N TYR A 108 0.78 12.00 0.61
CA TYR A 108 1.28 13.22 -0.05
C TYR A 108 0.72 14.42 0.64
N TRP A 109 1.61 15.31 1.08
CA TRP A 109 1.33 16.49 1.86
C TRP A 109 1.73 17.72 1.08
N GLY A 110 1.03 18.80 1.35
CA GLY A 110 1.38 20.09 0.77
C GLY A 110 2.58 20.65 1.53
N GLN A 111 3.16 21.77 1.09
CA GLN A 111 4.32 22.36 1.78
C GLN A 111 3.96 23.05 3.10
N GLY A 112 2.69 23.20 3.38
CA GLY A 112 2.20 23.88 4.58
C GLY A 112 1.98 25.38 4.36
N THR A 113 1.05 26.00 5.14
CA THR A 113 0.77 27.42 5.03
C THR A 113 0.77 28.01 6.45
N LEU A 114 1.74 28.90 6.73
CA LEU A 114 1.71 29.51 8.06
C LEU A 114 0.74 30.66 8.08
N VAL A 115 -0.29 30.53 8.90
CA VAL A 115 -1.27 31.56 9.13
C VAL A 115 -0.89 32.16 10.50
N THR A 116 -0.56 33.46 10.53
CA THR A 116 -0.23 34.15 11.80
C THR A 116 -1.46 34.97 12.26
N VAL A 117 -2.01 34.68 13.45
CA VAL A 117 -3.17 35.39 13.99
C VAL A 117 -2.69 36.57 14.88
N SER A 118 -2.56 37.77 14.27
CA SER A 118 -2.05 38.97 14.92
C SER A 118 -2.77 40.22 14.44
N SER A 119 -2.64 41.32 15.20
CA SER A 119 -3.24 42.62 14.89
C SER A 119 -2.23 43.53 14.16
N ALA A 120 -0.94 43.14 14.14
CA ALA A 120 0.15 43.90 13.51
C ALA A 120 0.16 43.84 11.99
N SER A 121 0.44 44.99 11.37
CA SER A 121 0.50 45.16 9.92
C SER A 121 1.64 44.38 9.27
N THR A 122 1.49 44.11 7.98
CA THR A 122 2.46 43.37 7.19
C THR A 122 3.62 44.29 6.85
N LYS A 123 4.84 43.84 7.16
CA LYS A 123 6.05 44.60 6.89
C LYS A 123 7.03 43.78 6.08
N GLY A 124 7.48 44.37 4.99
CA GLY A 124 8.46 43.77 4.08
C GLY A 124 9.86 43.94 4.66
N PRO A 125 10.75 42.97 4.42
CA PRO A 125 12.09 43.07 5.00
C PRO A 125 13.06 43.90 4.19
N SER A 126 14.10 44.38 4.87
CA SER A 126 15.20 45.07 4.24
C SER A 126 16.26 43.97 4.20
N VAL A 127 17.06 43.92 3.15
CA VAL A 127 18.08 42.88 2.97
C VAL A 127 19.44 43.57 2.86
N PHE A 128 20.42 43.09 3.65
CA PHE A 128 21.75 43.66 3.68
C PHE A 128 22.79 42.60 3.50
N PRO A 129 23.91 42.88 2.80
CA PRO A 129 24.91 41.82 2.62
C PRO A 129 25.84 41.63 3.81
N LEU A 130 26.29 40.39 3.99
CA LEU A 130 27.25 40.01 5.01
C LEU A 130 28.50 39.57 4.22
N ALA A 131 29.25 40.59 3.72
CA ALA A 131 30.45 40.43 2.89
C ALA A 131 31.63 39.81 3.67
N PRO A 132 32.47 38.98 3.01
CA PRO A 132 33.59 38.33 3.73
C PRO A 132 34.64 39.29 4.31
N GLY A 140 41.51 30.40 0.48
CA GLY A 140 41.04 29.41 1.43
C GLY A 140 39.54 29.36 1.59
N THR A 141 39.05 28.78 2.70
CA THR A 141 37.61 28.70 2.97
C THR A 141 37.09 30.07 3.44
N ALA A 142 35.99 30.52 2.84
CA ALA A 142 35.39 31.81 3.16
C ALA A 142 33.92 31.67 3.53
N ALA A 143 33.38 32.67 4.24
CA ALA A 143 31.97 32.71 4.61
C ALA A 143 31.37 34.05 4.28
N LEU A 144 30.15 34.03 3.73
CA LEU A 144 29.37 35.23 3.39
C LEU A 144 27.87 34.95 3.58
N GLY A 145 27.07 36.00 3.61
CA GLY A 145 25.65 35.85 3.82
C GLY A 145 24.79 37.06 3.55
N CYS A 146 23.58 37.00 4.07
CA CYS A 146 22.53 37.98 3.88
C CYS A 146 21.78 38.23 5.17
N LEU A 147 21.69 39.49 5.64
CA LEU A 147 20.90 39.83 6.82
C LEU A 147 19.57 40.30 6.32
N VAL A 148 18.50 39.65 6.80
CA VAL A 148 17.15 39.91 6.39
C VAL A 148 16.49 40.42 7.62
N LYS A 149 16.24 41.72 7.64
CA LYS A 149 15.77 42.38 8.85
C LYS A 149 14.45 43.01 8.73
N ASP A 150 13.81 43.19 9.90
CA ASP A 150 12.57 43.89 10.19
C ASP A 150 11.43 43.56 9.24
N TYR A 151 10.91 42.34 9.39
CA TYR A 151 9.75 41.89 8.64
C TYR A 151 8.70 41.37 9.61
N PHE A 152 7.48 41.24 9.12
CA PHE A 152 6.33 40.70 9.82
C PHE A 152 5.23 40.38 8.79
N PRO A 153 4.59 39.19 8.86
CA PRO A 153 4.84 38.11 9.84
C PRO A 153 5.91 37.18 9.28
N GLU A 154 6.01 36.01 9.88
CA GLU A 154 6.87 34.95 9.39
C GLU A 154 6.08 34.29 8.24
N PRO A 155 6.71 33.72 7.20
CA PRO A 155 8.14 33.46 7.04
C PRO A 155 8.77 34.20 5.89
N VAL A 156 10.06 34.10 5.84
CA VAL A 156 10.90 34.61 4.79
C VAL A 156 11.61 33.39 4.26
N THR A 157 11.74 33.27 2.94
CA THR A 157 12.51 32.17 2.39
C THR A 157 13.74 32.78 1.73
N VAL A 158 14.85 32.07 1.78
CA VAL A 158 16.08 32.59 1.20
C VAL A 158 16.73 31.49 0.36
N SER A 159 17.23 31.87 -0.82
CA SER A 159 17.96 30.98 -1.73
C SER A 159 19.28 31.64 -2.12
N TRP A 160 20.25 30.83 -2.53
CA TRP A 160 21.55 31.33 -2.93
C TRP A 160 21.90 31.06 -4.40
N ASN A 161 22.33 32.16 -5.10
CA ASN A 161 22.72 32.23 -6.51
C ASN A 161 21.52 31.83 -7.41
N SER A 162 20.43 32.63 -7.32
CA SER A 162 19.16 32.51 -8.06
C SER A 162 18.47 31.13 -7.89
N GLY A 163 18.71 30.47 -6.76
CA GLY A 163 18.09 29.19 -6.46
C GLY A 163 18.90 27.96 -6.78
N ALA A 164 20.14 28.15 -7.26
CA ALA A 164 21.06 27.09 -7.65
C ALA A 164 21.79 26.46 -6.47
N LEU A 165 22.52 27.26 -5.65
CA LEU A 165 23.29 26.75 -4.52
C LEU A 165 22.43 26.39 -3.31
N THR A 166 22.74 25.24 -2.68
CA THR A 166 22.11 24.72 -1.47
C THR A 166 23.15 24.09 -0.52
N SER A 167 24.34 23.67 -1.04
CA SER A 167 25.37 23.04 -0.18
C SER A 167 26.14 24.10 0.61
N GLY A 168 26.14 23.90 1.93
CA GLY A 168 26.71 24.81 2.92
C GLY A 168 25.90 26.10 2.98
N VAL A 169 24.55 25.97 3.09
CA VAL A 169 23.65 27.11 3.15
C VAL A 169 22.85 27.03 4.44
N HIS A 170 23.21 27.87 5.41
CA HIS A 170 22.51 27.87 6.68
C HIS A 170 21.65 29.10 6.79
N THR A 171 20.34 28.90 6.71
CA THR A 171 19.34 29.93 6.89
C THR A 171 18.85 29.70 8.29
N PHE A 172 19.14 30.67 9.16
CA PHE A 172 18.87 30.59 10.57
C PHE A 172 17.40 30.80 10.89
N PRO A 173 16.86 30.15 11.96
CA PRO A 173 15.47 30.45 12.37
C PRO A 173 15.41 31.95 12.75
N ALA A 174 14.29 32.58 12.46
CA ALA A 174 14.12 33.99 12.76
C ALA A 174 14.02 34.23 14.27
N VAL A 175 14.38 35.45 14.70
CA VAL A 175 14.28 35.91 16.09
C VAL A 175 13.34 37.10 16.13
N LEU A 176 12.44 37.11 17.10
CA LEU A 176 11.51 38.22 17.32
C LEU A 176 12.26 39.28 18.12
N GLN A 177 12.36 40.48 17.57
CA GLN A 177 13.03 41.60 18.20
C GLN A 177 12.13 42.26 19.26
N SER A 178 12.70 43.16 20.07
CA SER A 178 11.94 43.91 21.10
C SER A 178 10.87 44.78 20.42
N SER A 179 11.19 45.24 19.19
CA SER A 179 10.34 46.03 18.31
C SER A 179 9.08 45.30 17.82
N GLY A 180 9.07 43.97 17.93
CA GLY A 180 7.98 43.11 17.46
C GLY A 180 8.12 42.73 15.98
N LEU A 181 9.33 42.93 15.43
CA LEU A 181 9.66 42.61 14.03
C LEU A 181 10.69 41.47 14.01
N TYR A 182 10.64 40.63 12.99
CA TYR A 182 11.53 39.49 12.90
C TYR A 182 12.76 39.87 12.14
N SER A 183 13.81 39.07 12.34
CA SER A 183 15.07 39.24 11.67
C SER A 183 15.68 37.86 11.54
N LEU A 184 16.39 37.60 10.44
CA LEU A 184 17.13 36.36 10.24
C LEU A 184 18.29 36.60 9.34
N SER A 185 19.23 35.64 9.29
CA SER A 185 20.41 35.65 8.46
C SER A 185 20.49 34.33 7.68
N SER A 186 21.13 34.38 6.52
CA SER A 186 21.40 33.21 5.71
C SER A 186 22.86 33.31 5.38
N VAL A 187 23.60 32.24 5.63
CA VAL A 187 25.03 32.23 5.37
C VAL A 187 25.37 31.10 4.41
N VAL A 188 26.55 31.17 3.78
CA VAL A 188 27.03 30.19 2.82
C VAL A 188 28.56 30.12 2.83
N THR A 189 29.10 28.98 3.27
CA THR A 189 30.52 28.66 3.41
C THR A 189 31.15 28.22 2.06
N VAL A 190 31.53 29.22 1.21
CA VAL A 190 32.11 29.07 -0.14
C VAL A 190 33.66 29.27 -0.19
N PRO A 191 34.41 28.94 -1.29
CA PRO A 191 35.86 29.20 -1.28
C PRO A 191 36.22 30.64 -1.71
N SER A 192 37.40 31.15 -1.26
CA SER A 192 37.91 32.49 -1.54
C SER A 192 38.03 32.76 -3.05
N SER A 193 38.66 31.83 -3.79
CA SER A 193 38.87 31.84 -5.24
C SER A 193 37.57 32.14 -6.02
N SER A 194 36.45 31.54 -5.57
CA SER A 194 35.14 31.68 -6.16
C SER A 194 34.45 33.04 -5.91
N LEU A 195 34.93 33.83 -4.92
CA LEU A 195 34.35 35.14 -4.54
C LEU A 195 34.32 36.16 -5.67
N GLY A 196 35.32 36.10 -6.56
CA GLY A 196 35.44 36.97 -7.72
C GLY A 196 34.81 36.40 -8.98
N THR A 197 34.78 35.05 -9.09
CA THR A 197 34.25 34.32 -10.26
C THR A 197 32.71 34.40 -10.35
N GLN A 198 32.00 33.87 -9.33
CA GLN A 198 30.54 33.86 -9.29
C GLN A 198 29.98 35.03 -8.50
N THR A 199 29.00 35.74 -9.08
CA THR A 199 28.34 36.85 -8.40
C THR A 199 27.34 36.26 -7.42
N TYR A 200 27.74 36.21 -6.12
CA TYR A 200 26.96 35.61 -5.04
C TYR A 200 25.70 36.39 -4.72
N ILE A 201 24.61 35.96 -5.36
CA ILE A 201 23.30 36.56 -5.22
C ILE A 201 22.55 35.88 -4.09
N CYS A 202 21.92 36.70 -3.25
CA CYS A 202 21.11 36.21 -2.15
C CYS A 202 19.69 36.57 -2.53
N ASN A 203 18.84 35.56 -2.77
CA ASN A 203 17.46 35.79 -3.22
C ASN A 203 16.51 35.64 -2.06
N VAL A 204 15.94 36.74 -1.63
CA VAL A 204 15.03 36.74 -0.49
C VAL A 204 13.63 36.92 -0.98
N ASN A 205 12.72 36.15 -0.40
CA ASN A 205 11.31 36.23 -0.71
C ASN A 205 10.46 36.26 0.57
N HIS A 206 9.56 37.23 0.69
CA HIS A 206 8.62 37.37 1.80
C HIS A 206 7.28 37.43 1.10
N LYS A 207 6.65 36.24 0.94
CA LYS A 207 5.36 36.05 0.27
C LYS A 207 4.21 36.92 0.87
N PRO A 208 4.10 37.19 2.21
CA PRO A 208 2.97 38.02 2.70
C PRO A 208 2.99 39.49 2.25
N SER A 209 4.18 40.01 1.87
CA SER A 209 4.36 41.39 1.43
C SER A 209 4.78 41.48 -0.05
N ASN A 210 4.76 40.36 -0.78
CA ASN A 210 5.19 40.26 -2.19
C ASN A 210 6.57 40.89 -2.44
N THR A 211 7.44 40.90 -1.44
CA THR A 211 8.77 41.43 -1.63
C THR A 211 9.60 40.31 -2.22
N LYS A 212 10.48 40.68 -3.11
CA LYS A 212 11.43 39.81 -3.76
C LYS A 212 12.67 40.68 -3.89
N VAL A 213 13.76 40.29 -3.23
CA VAL A 213 14.98 41.08 -3.24
C VAL A 213 16.13 40.19 -3.66
N ASP A 214 17.01 40.71 -4.51
CA ASP A 214 18.21 40.03 -4.97
C ASP A 214 19.35 41.01 -4.68
N LYS A 215 20.05 40.84 -3.53
CA LYS A 215 21.15 41.71 -3.14
C LYS A 215 22.47 41.04 -3.41
N LYS A 216 23.37 41.73 -4.13
CA LYS A 216 24.68 41.20 -4.48
C LYS A 216 25.62 41.24 -3.28
N VAL A 217 26.30 40.13 -2.98
CA VAL A 217 27.23 40.10 -1.84
C VAL A 217 28.68 40.16 -2.39
N GLU A 218 29.27 41.38 -2.44
CA GLU A 218 30.63 41.58 -2.95
C GLU A 218 31.58 42.15 -1.91
N PRO A 219 32.85 41.65 -1.82
CA PRO A 219 33.78 42.18 -0.80
C PRO A 219 34.20 43.64 -0.98
N ASP B 1 -11.36 11.20 22.50
CA ASP B 1 -10.37 11.10 21.42
C ASP B 1 -9.16 10.29 21.86
N ILE B 2 -8.73 9.31 21.04
CA ILE B 2 -7.62 8.39 21.30
C ILE B 2 -6.30 9.13 21.54
N VAL B 3 -5.72 8.97 22.75
CA VAL B 3 -4.47 9.61 23.14
C VAL B 3 -3.35 8.70 22.72
N MET B 4 -2.40 9.23 21.96
CA MET B 4 -1.21 8.51 21.45
C MET B 4 0.01 8.94 22.30
N THR B 5 0.49 8.05 23.20
CA THR B 5 1.60 8.36 24.12
C THR B 5 2.92 7.87 23.55
N GLN B 6 3.76 8.79 23.13
CA GLN B 6 5.03 8.41 22.54
C GLN B 6 6.14 8.52 23.61
N THR B 7 7.10 7.56 23.63
CA THR B 7 8.26 7.55 24.55
C THR B 7 9.51 6.98 23.84
N PRO B 8 10.72 7.53 24.07
CA PRO B 8 11.04 8.75 24.85
C PRO B 8 10.60 10.01 24.06
N LEU B 9 10.65 11.22 24.68
CA LEU B 9 10.31 12.46 23.95
C LEU B 9 11.51 12.97 23.15
N SER B 10 12.73 12.63 23.59
CA SER B 10 14.00 12.99 22.93
C SER B 10 14.96 11.81 22.99
N LEU B 11 15.91 11.71 22.06
CA LEU B 11 16.87 10.64 22.12
C LEU B 11 18.12 11.03 21.36
N SER B 12 19.28 10.72 21.98
CA SER B 12 20.63 10.99 21.46
C SER B 12 21.14 9.60 21.11
N VAL B 13 21.67 9.44 19.89
CA VAL B 13 22.09 8.16 19.30
C VAL B 13 23.42 8.31 18.52
N THR B 14 24.34 7.35 18.68
CA THR B 14 25.64 7.32 18.01
C THR B 14 25.48 6.77 16.59
N PRO B 15 26.18 7.32 15.58
CA PRO B 15 26.04 6.77 14.20
C PRO B 15 26.42 5.27 14.10
N GLY B 16 25.49 4.47 13.57
CA GLY B 16 25.67 3.02 13.41
C GLY B 16 24.98 2.22 14.50
N GLN B 17 24.46 2.90 15.53
CA GLN B 17 23.77 2.32 16.67
C GLN B 17 22.25 2.21 16.46
N PRO B 18 21.53 1.30 17.12
CA PRO B 18 20.08 1.25 16.86
C PRO B 18 19.32 2.25 17.72
N ALA B 19 18.03 2.49 17.39
CA ALA B 19 17.14 3.36 18.17
C ALA B 19 15.80 2.72 18.19
N SER B 20 15.00 3.02 19.22
CA SER B 20 13.66 2.46 19.32
C SER B 20 12.71 3.49 19.94
N ILE B 21 11.56 3.73 19.28
CA ILE B 21 10.52 4.66 19.73
C ILE B 21 9.29 3.85 19.95
N SER B 22 8.61 4.09 21.06
CA SER B 22 7.41 3.37 21.36
C SER B 22 6.18 4.27 21.37
N CYS B 23 5.04 3.71 20.89
CA CYS B 23 3.76 4.40 20.87
C CYS B 23 2.77 3.55 21.65
N ARG B 24 1.96 4.19 22.51
CA ARG B 24 0.92 3.50 23.27
C ARG B 24 -0.39 4.27 23.14
N SER B 25 -1.47 3.60 22.67
CA SER B 25 -2.77 4.27 22.52
C SER B 25 -3.70 4.02 23.69
N SER B 26 -4.65 4.93 23.95
CA SER B 26 -5.63 4.81 25.04
C SER B 26 -6.62 3.67 24.81
N ARG B 27 -6.90 3.35 23.52
CA ARG B 27 -7.78 2.25 23.08
C ARG B 27 -7.17 1.49 21.94
N SER B 28 -7.69 0.29 21.68
CA SER B 28 -7.20 -0.59 20.60
C SER B 28 -7.31 0.07 19.23
N LEU B 29 -6.27 -0.13 18.39
CA LEU B 29 -6.26 0.40 17.03
C LEU B 29 -6.64 -0.65 15.99
N VAL B 30 -7.02 -1.86 16.46
CA VAL B 30 -7.49 -2.95 15.58
C VAL B 30 -8.78 -2.44 14.94
N HIS B 31 -8.84 -2.45 13.60
CA HIS B 31 -10.03 -1.98 12.87
C HIS B 31 -10.93 -3.17 12.55
N SER B 32 -10.31 -4.19 11.96
CA SER B 32 -10.87 -5.43 11.45
C SER B 32 -9.68 -6.36 11.28
N ARG B 33 -9.95 -7.63 10.92
CA ARG B 33 -8.97 -8.70 10.71
C ARG B 33 -7.89 -8.26 9.70
N GLY B 34 -6.63 -8.30 10.14
CA GLY B 34 -5.47 -7.92 9.34
C GLY B 34 -5.33 -6.42 9.13
N ASN B 35 -6.15 -5.60 9.84
CA ASN B 35 -6.11 -4.15 9.68
C ASN B 35 -5.96 -3.36 10.94
N THR B 36 -4.73 -2.87 11.20
CA THR B 36 -4.45 -1.97 12.32
C THR B 36 -3.91 -0.68 11.75
N TYR B 37 -4.63 0.43 11.93
CA TYR B 37 -4.26 1.71 11.30
C TYR B 37 -3.38 2.56 12.22
N LEU B 38 -2.10 2.14 12.32
CA LEU B 38 -1.06 2.77 13.15
C LEU B 38 0.10 3.00 12.20
N HIS B 39 0.54 4.24 12.04
CA HIS B 39 1.58 4.60 11.06
C HIS B 39 2.67 5.41 11.74
N TRP B 40 3.85 5.48 11.11
CA TRP B 40 4.98 6.25 11.60
C TRP B 40 5.42 7.24 10.55
N TYR B 41 5.66 8.47 10.98
CA TYR B 41 6.15 9.55 10.12
C TYR B 41 7.41 10.16 10.67
N LEU B 42 8.30 10.55 9.76
CA LEU B 42 9.48 11.34 10.07
C LEU B 42 9.22 12.75 9.47
N GLN B 43 9.46 13.79 10.27
CA GLN B 43 9.38 15.15 9.79
C GLN B 43 10.75 15.81 10.03
N LYS B 44 11.55 16.01 8.95
CA LYS B 44 12.86 16.66 8.94
C LYS B 44 12.58 18.16 9.06
N PRO B 45 13.49 18.93 9.71
CA PRO B 45 13.25 20.37 9.96
C PRO B 45 12.81 21.21 8.78
N GLY B 46 11.71 21.95 8.98
CA GLY B 46 11.08 22.79 7.96
C GLY B 46 10.42 22.04 6.80
N GLN B 47 10.29 20.70 6.91
CA GLN B 47 9.64 19.89 5.87
C GLN B 47 8.30 19.36 6.34
N SER B 48 7.52 18.81 5.41
CA SER B 48 6.22 18.21 5.72
C SER B 48 6.48 16.80 6.29
N PRO B 49 5.55 16.22 7.10
CA PRO B 49 5.73 14.83 7.55
C PRO B 49 5.80 13.87 6.38
N GLN B 50 6.73 12.91 6.40
CA GLN B 50 6.85 11.88 5.37
C GLN B 50 6.60 10.49 5.97
N LEU B 51 5.72 9.71 5.33
CA LEU B 51 5.35 8.36 5.78
C LEU B 51 6.51 7.42 5.71
N LEU B 52 6.75 6.73 6.79
CA LEU B 52 7.79 5.71 6.78
C LEU B 52 7.17 4.32 6.80
N ILE B 53 6.21 4.13 7.73
CA ILE B 53 5.58 2.87 8.03
C ILE B 53 4.10 3.09 8.14
N TYR B 54 3.29 2.23 7.49
CA TYR B 54 1.81 2.29 7.66
C TYR B 54 1.29 0.93 8.06
N LYS B 55 0.19 0.93 8.79
CA LYS B 55 -0.50 -0.26 9.19
C LYS B 55 0.42 -1.22 9.95
N VAL B 56 1.15 -0.63 10.95
CA VAL B 56 2.03 -1.30 11.91
C VAL B 56 3.42 -1.63 11.33
N SER B 57 3.54 -2.31 10.19
CA SER B 57 4.83 -2.81 9.72
C SER B 57 5.11 -2.69 8.28
N ASN B 58 4.19 -2.15 7.50
CA ASN B 58 4.37 -1.96 6.07
C ASN B 58 5.27 -0.74 5.87
N ARG B 59 6.28 -0.89 5.02
CA ARG B 59 7.27 0.13 4.70
C ARG B 59 6.81 0.85 3.44
N PHE B 60 6.93 2.17 3.43
CA PHE B 60 6.48 2.89 2.27
C PHE B 60 7.56 2.86 1.19
N ILE B 61 7.23 3.35 0.00
CA ILE B 61 8.14 3.37 -1.14
C ILE B 61 9.45 4.01 -0.73
N GLY B 62 10.55 3.35 -1.07
CA GLY B 62 11.89 3.83 -0.76
C GLY B 62 12.35 3.70 0.68
N VAL B 63 11.44 3.38 1.64
CA VAL B 63 11.80 3.27 3.05
C VAL B 63 12.69 2.02 3.28
N PRO B 64 13.95 2.19 3.74
CA PRO B 64 14.83 1.00 3.93
C PRO B 64 14.38 0.02 5.01
N ASP B 65 14.92 -1.21 4.92
CA ASP B 65 14.68 -2.30 5.85
C ASP B 65 15.12 -1.99 7.30
N ARG B 66 16.03 -0.99 7.50
CA ARG B 66 16.54 -0.48 8.81
C ARG B 66 15.35 0.00 9.66
N PHE B 67 14.29 0.53 9.00
CA PHE B 67 13.09 1.03 9.66
C PHE B 67 12.14 -0.13 9.66
N SER B 68 11.70 -0.49 10.84
CA SER B 68 10.80 -1.60 10.99
C SER B 68 9.86 -1.16 12.05
N GLY B 69 8.60 -1.53 11.92
CA GLY B 69 7.56 -1.24 12.92
C GLY B 69 6.99 -2.57 13.37
N SER B 70 6.45 -2.63 14.61
CA SER B 70 5.86 -3.86 15.16
C SER B 70 4.89 -3.43 16.24
N GLY B 71 4.22 -4.40 16.83
CA GLY B 71 3.22 -4.15 17.86
C GLY B 71 1.87 -4.70 17.48
N SER B 72 0.86 -4.41 18.34
CA SER B 72 -0.52 -4.86 18.15
C SER B 72 -1.36 -4.27 19.27
N GLY B 73 -2.67 -4.16 19.05
CA GLY B 73 -3.63 -3.65 20.03
C GLY B 73 -3.45 -2.21 20.41
N THR B 74 -2.74 -1.96 21.54
CA THR B 74 -2.47 -0.60 22.05
C THR B 74 -0.96 -0.28 22.20
N ASP B 75 -0.09 -1.24 21.93
CA ASP B 75 1.34 -0.98 22.15
C ASP B 75 2.06 -1.29 20.89
N PHE B 76 2.85 -0.32 20.40
CA PHE B 76 3.56 -0.42 19.11
C PHE B 76 4.91 0.19 19.23
N THR B 77 5.82 -0.19 18.31
CA THR B 77 7.19 0.28 18.40
C THR B 77 7.79 0.44 17.03
N LEU B 78 8.56 1.53 16.85
CA LEU B 78 9.32 1.81 15.64
C LEU B 78 10.72 1.54 16.03
N LYS B 79 11.47 0.91 15.12
CA LYS B 79 12.84 0.59 15.37
C LYS B 79 13.70 0.95 14.20
N ILE B 80 14.84 1.56 14.52
CA ILE B 80 15.81 1.93 13.50
C ILE B 80 17.05 1.16 13.84
N SER B 81 17.47 0.32 12.94
CA SER B 81 18.69 -0.41 13.20
C SER B 81 19.73 0.36 12.37
N ARG B 82 20.88 0.69 12.98
CA ARG B 82 21.99 1.41 12.35
C ARG B 82 21.65 2.90 12.00
N VAL B 83 21.14 3.68 12.99
CA VAL B 83 20.81 5.12 12.89
C VAL B 83 21.88 5.87 12.10
N GLU B 84 21.46 6.58 11.05
CA GLU B 84 22.29 7.37 10.14
C GLU B 84 22.06 8.87 10.36
N ALA B 85 22.95 9.72 9.81
CA ALA B 85 22.88 11.19 9.90
C ALA B 85 21.52 11.69 9.38
N GLU B 86 21.08 11.19 8.20
CA GLU B 86 19.81 11.49 7.52
C GLU B 86 18.54 11.18 8.39
N ASP B 87 18.67 10.47 9.52
CA ASP B 87 17.52 10.10 10.35
C ASP B 87 17.12 11.16 11.37
N VAL B 88 17.89 12.25 11.48
CA VAL B 88 17.60 13.38 12.36
C VAL B 88 16.28 14.02 11.92
N GLY B 89 15.44 14.30 12.90
CA GLY B 89 14.13 14.87 12.65
C GLY B 89 13.24 14.54 13.82
N VAL B 90 11.93 14.74 13.68
CA VAL B 90 10.92 14.44 14.72
C VAL B 90 10.00 13.29 14.21
N TYR B 91 9.90 12.23 14.97
CA TYR B 91 9.08 11.07 14.64
C TYR B 91 7.74 11.17 15.26
N TYR B 92 6.70 10.82 14.47
CA TYR B 92 5.33 10.87 14.97
C TYR B 92 4.66 9.53 14.70
N CYS B 93 3.83 9.10 15.64
CA CYS B 93 3.03 7.91 15.42
C CYS B 93 1.60 8.42 15.15
N SER B 94 0.89 7.79 14.22
CA SER B 94 -0.46 8.21 13.85
C SER B 94 -1.47 7.08 13.92
N GLN B 95 -2.68 7.41 14.35
CA GLN B 95 -3.75 6.43 14.29
C GLN B 95 -4.88 6.93 13.33
N SER B 96 -5.38 6.03 12.48
CA SER B 96 -6.46 6.35 11.54
C SER B 96 -7.59 5.29 11.59
N THR B 97 -7.77 4.69 12.80
CA THR B 97 -8.77 3.67 13.11
C THR B 97 -10.08 4.32 13.51
N HIS B 98 -10.03 5.33 14.38
CA HIS B 98 -11.21 6.02 14.85
C HIS B 98 -11.07 7.51 14.68
N LEU B 99 -12.16 8.16 14.28
CA LEU B 99 -12.21 9.60 14.15
C LEU B 99 -12.38 10.22 15.56
N PRO B 100 -11.72 11.36 15.87
CA PRO B 100 -10.80 12.11 15.00
C PRO B 100 -9.45 11.41 14.95
N PHE B 101 -8.77 11.51 13.81
CA PHE B 101 -7.45 10.91 13.67
C PHE B 101 -6.48 11.64 14.60
N THR B 102 -5.60 10.88 15.27
CA THR B 102 -4.71 11.47 16.26
C THR B 102 -3.26 11.08 16.05
N PHE B 103 -2.37 11.92 16.56
CA PHE B 103 -0.91 11.77 16.47
C PHE B 103 -0.26 11.79 17.85
N GLY B 104 0.90 11.16 17.95
CA GLY B 104 1.74 11.20 19.13
C GLY B 104 2.36 12.58 19.23
N GLN B 105 2.84 12.99 20.43
CA GLN B 105 3.43 14.31 20.65
C GLN B 105 4.73 14.51 19.87
N GLY B 106 5.32 13.43 19.38
CA GLY B 106 6.57 13.47 18.61
C GLY B 106 7.79 13.13 19.45
N THR B 107 8.85 12.65 18.79
CA THR B 107 10.09 12.24 19.42
C THR B 107 11.19 12.81 18.58
N LYS B 108 12.03 13.69 19.17
CA LYS B 108 13.15 14.33 18.50
C LYS B 108 14.36 13.42 18.51
N LEU B 109 14.86 13.06 17.35
CA LEU B 109 16.03 12.21 17.26
C LEU B 109 17.23 13.06 16.98
N GLU B 110 18.18 13.07 17.91
CA GLU B 110 19.43 13.77 17.75
C GLU B 110 20.57 12.77 17.65
N ILE B 111 21.48 13.01 16.71
CA ILE B 111 22.67 12.19 16.46
C ILE B 111 23.76 12.66 17.46
N LYS B 112 24.57 11.72 17.94
CA LYS B 112 25.69 12.01 18.85
C LYS B 112 27.00 11.70 18.09
N ARG B 113 27.42 12.65 17.26
CA ARG B 113 28.63 12.56 16.44
C ARG B 113 29.88 12.92 17.29
N THR B 114 31.04 13.11 16.64
CA THR B 114 32.29 13.48 17.33
C THR B 114 32.22 14.99 17.67
N VAL B 115 33.14 15.46 18.54
CA VAL B 115 33.22 16.88 18.88
C VAL B 115 33.81 17.59 17.64
N ALA B 116 33.12 18.67 17.21
CA ALA B 116 33.54 19.47 16.07
C ALA B 116 33.57 20.94 16.51
N ALA B 117 34.74 21.55 16.35
CA ALA B 117 34.97 22.94 16.73
C ALA B 117 34.37 23.86 15.69
N PRO B 118 33.75 24.98 16.12
CA PRO B 118 33.20 25.90 15.12
C PRO B 118 34.26 26.68 14.35
N SER B 119 33.91 27.07 13.13
CA SER B 119 34.72 27.92 12.27
C SER B 119 34.06 29.30 12.49
N VAL B 120 34.80 30.26 13.09
CA VAL B 120 34.24 31.58 13.43
C VAL B 120 34.49 32.63 12.35
N PHE B 121 33.46 33.44 12.07
CA PHE B 121 33.43 34.52 11.09
C PHE B 121 32.66 35.67 11.70
N ILE B 122 33.13 36.90 11.45
CA ILE B 122 32.51 38.13 11.93
C ILE B 122 32.22 39.00 10.72
N PHE B 123 31.09 39.66 10.75
CA PHE B 123 30.63 40.54 9.68
C PHE B 123 30.25 41.91 10.24
N PRO B 124 30.86 42.99 9.70
CA PRO B 124 30.49 44.35 10.12
C PRO B 124 29.18 44.79 9.46
N PRO B 125 28.48 45.84 9.96
CA PRO B 125 27.25 46.29 9.27
C PRO B 125 27.56 46.91 7.91
N SER B 126 26.66 46.72 6.93
CA SER B 126 26.80 47.27 5.58
C SER B 126 26.58 48.77 5.60
N ASP B 127 27.29 49.52 4.73
CA ASP B 127 27.11 50.97 4.62
C ASP B 127 25.64 51.32 4.33
N GLU B 128 24.95 50.49 3.51
N GLU B 128 24.96 50.49 3.50
CA GLU B 128 23.54 50.62 3.13
CA GLU B 128 23.55 50.62 3.12
C GLU B 128 22.63 50.57 4.37
C GLU B 128 22.59 50.49 4.32
N GLN B 129 22.95 49.70 5.35
CA GLN B 129 22.14 49.57 6.57
C GLN B 129 22.40 50.76 7.49
N LEU B 130 23.67 51.18 7.56
CA LEU B 130 24.14 52.30 8.37
C LEU B 130 23.37 53.58 8.01
N LYS B 131 23.07 53.76 6.68
CA LYS B 131 22.27 54.88 6.18
C LYS B 131 20.87 54.93 6.82
N SER B 132 20.35 53.78 7.31
CA SER B 132 19.05 53.68 7.97
C SER B 132 19.03 54.12 9.43
N GLY B 133 20.21 54.24 10.07
CA GLY B 133 20.31 54.66 11.45
C GLY B 133 20.52 53.55 12.47
N THR B 134 20.86 52.34 12.00
CA THR B 134 21.12 51.15 12.83
C THR B 134 22.29 50.35 12.26
N ALA B 135 22.98 49.62 13.14
CA ALA B 135 24.13 48.79 12.82
C ALA B 135 23.95 47.40 13.45
N SER B 136 24.04 46.36 12.63
CA SER B 136 23.93 44.98 13.01
C SER B 136 25.27 44.35 12.74
N VAL B 137 25.93 43.84 13.78
CA VAL B 137 27.23 43.19 13.65
C VAL B 137 26.90 41.69 13.85
N VAL B 138 27.34 40.83 12.92
CA VAL B 138 27.01 39.41 12.97
C VAL B 138 28.22 38.53 13.21
N CYS B 139 28.10 37.57 14.12
CA CYS B 139 29.14 36.59 14.39
C CYS B 139 28.53 35.21 14.07
N LEU B 140 29.17 34.49 13.15
CA LEU B 140 28.77 33.16 12.69
C LEU B 140 29.69 32.07 13.22
N LEU B 141 29.09 31.04 13.84
CA LEU B 141 29.76 29.84 14.35
C LEU B 141 29.26 28.73 13.44
N ASN B 142 30.11 28.30 12.50
CA ASN B 142 29.74 27.31 11.51
C ASN B 142 30.16 25.88 11.79
N ASN B 143 29.19 24.94 11.64
CA ASN B 143 29.33 23.48 11.70
C ASN B 143 30.11 22.96 12.93
N PHE B 144 29.46 23.00 14.10
CA PHE B 144 30.04 22.60 15.37
C PHE B 144 29.20 21.57 16.15
N TYR B 145 29.85 20.83 17.03
CA TYR B 145 29.21 19.83 17.86
C TYR B 145 29.97 19.63 19.14
N PRO B 146 29.31 19.60 20.32
CA PRO B 146 27.87 19.78 20.61
C PRO B 146 27.33 21.20 20.41
N ARG B 147 26.01 21.38 20.65
CA ARG B 147 25.26 22.62 20.50
C ARG B 147 25.76 23.70 21.46
N GLU B 148 26.13 23.29 22.68
CA GLU B 148 26.62 24.21 23.70
C GLU B 148 27.85 24.99 23.24
N ALA B 149 27.76 26.31 23.37
CA ALA B 149 28.76 27.28 23.02
C ALA B 149 28.41 28.59 23.68
N LYS B 150 29.44 29.39 24.00
CA LYS B 150 29.32 30.70 24.60
C LYS B 150 29.92 31.68 23.62
N VAL B 151 29.12 32.71 23.28
CA VAL B 151 29.49 33.81 22.40
C VAL B 151 29.45 35.11 23.20
N GLN B 152 30.60 35.78 23.31
CA GLN B 152 30.75 37.03 24.02
C GLN B 152 31.09 38.15 23.05
N TRP B 153 30.32 39.24 23.09
CA TRP B 153 30.61 40.40 22.28
C TRP B 153 31.52 41.37 23.04
N LYS B 154 32.62 41.84 22.42
CA LYS B 154 33.55 42.82 23.00
C LYS B 154 33.70 43.98 21.99
N VAL B 155 33.42 45.18 22.43
CA VAL B 155 33.53 46.40 21.63
C VAL B 155 34.59 47.30 22.31
N ASP B 156 35.76 47.47 21.67
CA ASP B 156 36.94 48.16 22.23
C ASP B 156 37.45 47.46 23.52
N ASN B 157 37.33 46.12 23.57
CA ASN B 157 37.64 45.23 24.68
C ASN B 157 36.62 45.33 25.83
N ALA B 158 35.54 46.10 25.68
CA ALA B 158 34.49 46.16 26.70
C ALA B 158 33.46 45.09 26.34
N LEU B 159 33.13 44.26 27.33
CA LEU B 159 32.20 43.12 27.30
C LEU B 159 30.78 43.62 27.24
N GLN B 160 30.03 43.19 26.20
CA GLN B 160 28.64 43.59 25.99
C GLN B 160 27.63 42.71 26.71
N SER B 161 26.47 43.28 27.04
CA SER B 161 25.37 42.59 27.70
C SER B 161 24.04 43.21 27.26
N GLY B 162 23.04 42.37 27.04
CA GLY B 162 21.68 42.79 26.69
C GLY B 162 21.40 43.42 25.34
N ASN B 163 22.41 43.52 24.43
CA ASN B 163 22.28 44.10 23.09
C ASN B 163 22.57 43.11 21.93
N SER B 164 22.46 41.79 22.20
CA SER B 164 22.68 40.74 21.20
C SER B 164 21.61 39.65 21.25
N GLN B 165 21.38 38.95 20.12
CA GLN B 165 20.38 37.89 19.99
C GLN B 165 21.03 36.75 19.25
N GLU B 166 20.71 35.55 19.67
CA GLU B 166 21.27 34.35 19.03
C GLU B 166 20.21 33.54 18.32
N SER B 167 20.64 32.79 17.34
CA SER B 167 19.83 31.82 16.64
C SER B 167 20.64 30.62 16.28
N VAL B 168 20.09 29.43 16.48
CA VAL B 168 20.78 28.16 16.20
C VAL B 168 19.95 27.31 15.25
N THR B 169 20.60 26.75 14.20
CA THR B 169 19.94 25.86 13.25
C THR B 169 19.66 24.52 13.92
N GLU B 170 18.79 23.72 13.31
CA GLU B 170 18.59 22.36 13.78
C GLU B 170 19.79 21.49 13.31
N GLN B 171 19.94 20.25 13.88
CA GLN B 171 21.06 19.39 13.51
C GLN B 171 21.11 19.09 12.02
N ASP B 172 22.28 19.21 11.38
CA ASP B 172 22.41 18.99 9.95
C ASP B 172 22.24 17.50 9.56
N SER B 173 21.48 17.23 8.49
CA SER B 173 21.20 15.87 8.01
C SER B 173 22.43 15.15 7.42
N LYS B 174 23.48 15.89 7.02
CA LYS B 174 24.66 15.25 6.45
C LYS B 174 25.84 15.13 7.44
N ASP B 175 26.29 16.22 8.08
CA ASP B 175 27.42 16.10 9.02
C ASP B 175 27.03 16.00 10.51
N SER B 176 25.73 16.16 10.85
CA SER B 176 25.19 16.10 12.23
C SER B 176 25.66 17.25 13.14
N THR B 177 26.13 18.37 12.55
CA THR B 177 26.56 19.52 13.33
C THR B 177 25.49 20.59 13.39
N TYR B 178 25.78 21.66 14.15
CA TYR B 178 24.94 22.83 14.33
C TYR B 178 25.68 24.06 13.87
N SER B 179 24.94 25.12 13.53
CA SER B 179 25.48 26.44 13.20
C SER B 179 24.75 27.46 14.07
N LEU B 180 25.45 28.53 14.47
CA LEU B 180 24.86 29.52 15.34
C LEU B 180 25.23 30.91 14.84
N SER B 181 24.30 31.86 14.95
CA SER B 181 24.56 33.26 14.64
C SER B 181 24.25 34.11 15.86
N SER B 182 25.08 35.12 16.11
CA SER B 182 24.88 36.10 17.16
C SER B 182 24.85 37.47 16.50
N THR B 183 23.82 38.26 16.79
CA THR B 183 23.70 39.58 16.19
C THR B 183 23.77 40.65 17.24
N LEU B 184 24.78 41.50 17.11
CA LEU B 184 24.95 42.66 18.00
C LEU B 184 24.30 43.86 17.30
N THR B 185 23.28 44.46 17.93
CA THR B 185 22.61 45.63 17.36
C THR B 185 22.94 46.90 18.16
N LEU B 186 23.45 47.92 17.46
CA LEU B 186 23.76 49.25 17.99
C LEU B 186 23.20 50.31 17.04
N SER B 187 22.97 51.56 17.52
CA SER B 187 22.54 52.67 16.68
C SER B 187 23.73 53.06 15.81
N LYS B 188 23.49 53.76 14.67
CA LYS B 188 24.57 54.23 13.77
C LYS B 188 25.59 55.10 14.58
N ALA B 189 25.05 56.01 15.43
CA ALA B 189 25.86 56.91 16.27
C ALA B 189 26.78 56.09 17.21
N ASP B 190 26.19 55.24 18.03
CA ASP B 190 26.95 54.38 18.96
C ASP B 190 27.97 53.51 18.24
N TYR B 191 27.61 52.94 17.09
CA TYR B 191 28.54 52.15 16.29
C TYR B 191 29.77 52.94 15.89
N GLU B 192 29.58 54.21 15.52
CA GLU B 192 30.67 55.05 15.05
C GLU B 192 31.65 55.48 16.16
N LYS B 193 31.23 55.40 17.44
CA LYS B 193 32.06 55.72 18.62
C LYS B 193 33.21 54.75 18.87
N HIS B 194 33.26 53.58 18.17
CA HIS B 194 34.28 52.58 18.49
C HIS B 194 35.15 52.10 17.30
N LYS B 195 36.27 51.44 17.57
CA LYS B 195 37.14 50.94 16.49
C LYS B 195 37.08 49.40 16.35
N VAL B 196 37.25 48.67 17.45
CA VAL B 196 37.35 47.21 17.38
C VAL B 196 36.08 46.52 17.84
N TYR B 197 35.53 45.69 16.95
CA TYR B 197 34.37 44.86 17.22
C TYR B 197 34.88 43.44 17.16
N ALA B 198 34.69 42.72 18.26
CA ALA B 198 35.17 41.36 18.38
C ALA B 198 34.14 40.41 18.95
N CYS B 199 34.23 39.16 18.53
N CYS B 199 34.13 39.16 18.47
CA CYS B 199 33.35 38.11 18.96
CA CYS B 199 33.26 38.13 19.04
C CYS B 199 34.22 37.00 19.55
C CYS B 199 34.12 36.97 19.54
N GLU B 200 34.00 36.68 20.84
CA GLU B 200 34.75 35.62 21.55
C GLU B 200 33.92 34.34 21.69
N VAL B 201 34.44 33.23 21.13
CA VAL B 201 33.74 31.94 21.11
C VAL B 201 34.39 30.90 22.00
N THR B 202 33.63 30.43 23.00
CA THR B 202 34.00 29.33 23.89
C THR B 202 33.20 28.10 23.45
N HIS B 203 33.88 26.94 23.27
CA HIS B 203 33.29 25.66 22.84
C HIS B 203 34.20 24.50 23.26
N GLN B 204 33.58 23.34 23.60
CA GLN B 204 34.24 22.09 23.96
C GLN B 204 35.36 21.67 22.99
N GLY B 205 35.16 21.95 21.70
CA GLY B 205 36.12 21.63 20.64
C GLY B 205 37.28 22.57 20.47
N LEU B 206 37.33 23.65 21.28
CA LEU B 206 38.41 24.64 21.25
C LEU B 206 39.21 24.57 22.55
N SER B 207 40.54 24.43 22.43
CA SER B 207 41.49 24.35 23.57
C SER B 207 41.50 25.67 24.39
N SER B 208 41.42 26.81 23.69
CA SER B 208 41.35 28.17 24.24
C SER B 208 40.33 28.96 23.41
N PRO B 209 39.55 29.91 24.01
CA PRO B 209 38.59 30.69 23.21
C PRO B 209 39.16 31.31 21.95
N VAL B 210 38.35 31.34 20.90
CA VAL B 210 38.71 31.88 19.58
C VAL B 210 38.05 33.25 19.46
N THR B 211 38.81 34.24 18.97
CA THR B 211 38.34 35.62 18.77
C THR B 211 38.54 36.02 17.34
N LYS B 212 37.50 36.62 16.77
CA LYS B 212 37.52 37.19 15.43
C LYS B 212 37.09 38.64 15.60
N SER B 213 37.82 39.55 14.95
CA SER B 213 37.58 40.98 15.09
C SER B 213 37.83 41.76 13.84
N PHE B 214 37.30 42.98 13.80
CA PHE B 214 37.51 43.93 12.72
C PHE B 214 37.67 45.33 13.29
N ASN B 215 38.34 46.19 12.51
CA ASN B 215 38.56 47.60 12.79
C ASN B 215 37.57 48.37 11.92
N ARG B 216 36.63 49.10 12.53
CA ARG B 216 35.62 49.87 11.81
C ARG B 216 36.33 50.98 11.02
N GLY B 217 35.92 51.14 9.76
CA GLY B 217 36.51 52.11 8.85
C GLY B 217 37.14 51.44 7.65
N GLU B 218 37.80 50.27 7.88
CA GLU B 218 38.45 49.45 6.86
C GLU B 218 37.44 48.70 6.01
N GLN C 1 -16.55 0.33 -4.96
CA GLN C 1 -15.57 -0.74 -4.86
C GLN C 1 -14.89 -1.02 -6.20
N VAL C 2 -13.59 -1.36 -6.20
CA VAL C 2 -12.84 -1.66 -7.45
C VAL C 2 -13.27 -3.05 -7.99
N GLN C 3 -13.73 -3.09 -9.25
CA GLN C 3 -14.19 -4.33 -9.90
C GLN C 3 -13.73 -4.43 -11.35
N LEU C 4 -13.20 -5.61 -11.72
CA LEU C 4 -12.85 -5.94 -13.08
C LEU C 4 -13.76 -7.11 -13.46
N VAL C 5 -14.67 -6.91 -14.44
CA VAL C 5 -15.63 -7.93 -14.94
C VAL C 5 -15.24 -8.30 -16.35
N GLN C 6 -14.92 -9.57 -16.59
CA GLN C 6 -14.48 -10.06 -17.91
C GLN C 6 -15.62 -10.68 -18.73
N SER C 7 -15.39 -10.85 -20.06
CA SER C 7 -16.37 -11.48 -20.96
C SER C 7 -16.43 -12.98 -20.71
N GLY C 8 -17.54 -13.61 -21.13
CA GLY C 8 -17.83 -15.02 -20.95
C GLY C 8 -16.90 -16.01 -21.60
N ALA C 9 -16.92 -17.28 -21.09
CA ALA C 9 -16.14 -18.40 -21.65
C ALA C 9 -16.54 -18.69 -23.11
N GLU C 10 -15.56 -19.16 -23.90
CA GLU C 10 -15.72 -19.39 -25.33
C GLU C 10 -14.86 -20.52 -25.90
N VAL C 11 -15.41 -21.26 -26.86
CA VAL C 11 -14.64 -22.24 -27.59
C VAL C 11 -14.26 -21.59 -28.91
N LYS C 12 -13.02 -21.73 -29.31
CA LYS C 12 -12.51 -21.14 -30.53
C LYS C 12 -11.76 -22.17 -31.35
N LYS C 13 -12.03 -22.20 -32.68
CA LYS C 13 -11.42 -23.13 -33.63
C LYS C 13 -9.90 -22.92 -33.71
N PRO C 14 -9.07 -23.98 -33.87
CA PRO C 14 -7.62 -23.73 -33.96
C PRO C 14 -7.29 -22.90 -35.20
N GLY C 15 -6.36 -21.97 -35.04
CA GLY C 15 -5.95 -21.02 -36.08
C GLY C 15 -6.67 -19.68 -36.01
N SER C 16 -7.87 -19.65 -35.37
CA SER C 16 -8.68 -18.44 -35.23
C SER C 16 -8.12 -17.47 -34.19
N SER C 17 -8.85 -16.37 -33.94
CA SER C 17 -8.47 -15.34 -32.98
C SER C 17 -9.57 -15.12 -31.97
N VAL C 18 -9.19 -14.87 -30.72
CA VAL C 18 -10.14 -14.56 -29.66
C VAL C 18 -9.82 -13.17 -29.11
N LYS C 19 -10.84 -12.46 -28.65
CA LYS C 19 -10.69 -11.13 -28.05
C LYS C 19 -11.46 -11.18 -26.73
N VAL C 20 -10.74 -10.96 -25.62
CA VAL C 20 -11.31 -11.01 -24.28
C VAL C 20 -11.38 -9.59 -23.78
N SER C 21 -12.51 -9.21 -23.21
CA SER C 21 -12.75 -7.88 -22.67
C SER C 21 -12.65 -7.89 -21.13
N CYS C 22 -12.39 -6.72 -20.56
CA CYS C 22 -12.26 -6.50 -19.12
C CYS C 22 -12.81 -5.13 -18.82
N LYS C 23 -13.95 -5.08 -18.12
CA LYS C 23 -14.64 -3.85 -17.78
C LYS C 23 -14.28 -3.43 -16.36
N ALA C 24 -13.60 -2.27 -16.24
CA ALA C 24 -13.14 -1.74 -14.96
C ALA C 24 -14.11 -0.73 -14.38
N SER C 25 -14.32 -0.77 -13.05
CA SER C 25 -15.19 0.18 -12.37
C SER C 25 -14.75 0.45 -10.92
N GLY C 26 -15.13 1.61 -10.38
CA GLY C 26 -14.86 1.97 -9.00
C GLY C 26 -13.60 2.78 -8.79
N TYR C 27 -12.95 3.19 -9.88
CA TYR C 27 -11.74 4.02 -9.93
C TYR C 27 -11.67 4.72 -11.30
N SER C 28 -10.72 5.65 -11.46
CA SER C 28 -10.50 6.40 -12.69
C SER C 28 -9.62 5.56 -13.60
N PHE C 29 -10.24 5.00 -14.62
CA PHE C 29 -9.66 4.06 -15.59
C PHE C 29 -8.27 4.35 -16.10
N THR C 30 -7.97 5.58 -16.52
CA THR C 30 -6.66 5.85 -17.13
C THR C 30 -5.53 5.95 -16.13
N ASP C 31 -5.86 6.05 -14.81
CA ASP C 31 -4.87 6.16 -13.74
C ASP C 31 -4.07 4.85 -13.47
N TYR C 32 -4.58 3.69 -13.88
CA TYR C 32 -3.91 2.42 -13.54
C TYR C 32 -3.63 1.55 -14.72
N HIS C 33 -2.50 0.82 -14.69
CA HIS C 33 -2.15 -0.10 -15.79
C HIS C 33 -2.98 -1.39 -15.65
N ILE C 34 -3.29 -2.02 -16.78
CA ILE C 34 -4.04 -3.26 -16.85
C ILE C 34 -3.14 -4.29 -17.47
N HIS C 35 -2.95 -5.42 -16.77
CA HIS C 35 -2.14 -6.55 -17.21
C HIS C 35 -2.99 -7.76 -17.53
N TRP C 36 -2.48 -8.61 -18.40
CA TRP C 36 -3.11 -9.87 -18.75
C TRP C 36 -2.19 -11.05 -18.35
N VAL C 37 -2.76 -12.03 -17.62
CA VAL C 37 -2.11 -13.23 -17.05
C VAL C 37 -2.96 -14.44 -17.40
N ARG C 38 -2.37 -15.51 -18.01
CA ARG C 38 -3.12 -16.73 -18.34
C ARG C 38 -2.70 -17.94 -17.46
N GLN C 39 -3.62 -18.92 -17.33
CA GLN C 39 -3.46 -20.13 -16.54
C GLN C 39 -4.04 -21.36 -17.25
N ALA C 40 -3.16 -22.18 -17.90
CA ALA C 40 -3.53 -23.43 -18.57
C ALA C 40 -4.11 -24.38 -17.49
N PRO C 41 -5.11 -25.27 -17.78
CA PRO C 41 -5.68 -26.11 -16.69
C PRO C 41 -4.66 -26.90 -15.89
N GLY C 42 -4.79 -26.83 -14.58
CA GLY C 42 -3.87 -27.44 -13.63
C GLY C 42 -2.45 -26.88 -13.63
N GLN C 43 -2.17 -25.82 -14.44
CA GLN C 43 -0.82 -25.23 -14.53
C GLN C 43 -0.71 -23.90 -13.76
N GLY C 44 0.47 -23.28 -13.83
CA GLY C 44 0.78 -22.03 -13.15
C GLY C 44 0.38 -20.76 -13.90
N LEU C 45 0.76 -19.62 -13.33
CA LEU C 45 0.44 -18.29 -13.87
C LEU C 45 1.49 -17.79 -14.84
N GLU C 46 1.07 -17.42 -16.05
CA GLU C 46 1.95 -16.92 -17.10
C GLU C 46 1.54 -15.49 -17.52
N TRP C 47 2.45 -14.52 -17.28
CA TRP C 47 2.22 -13.12 -17.63
C TRP C 47 2.31 -12.93 -19.15
N MET C 48 1.32 -12.22 -19.72
CA MET C 48 1.28 -12.01 -21.16
C MET C 48 1.63 -10.59 -21.61
N GLY C 49 1.18 -9.59 -20.86
CA GLY C 49 1.41 -8.21 -21.23
C GLY C 49 0.71 -7.18 -20.38
N VAL C 50 0.93 -5.91 -20.74
CA VAL C 50 0.47 -4.69 -20.07
C VAL C 50 0.09 -3.59 -21.07
N ILE C 51 -0.84 -2.74 -20.64
CA ILE C 51 -1.26 -1.53 -21.32
C ILE C 51 -1.39 -0.39 -20.29
N ASN C 52 -0.91 0.80 -20.68
CA ASN C 52 -1.09 2.00 -19.88
C ASN C 52 -2.24 2.70 -20.60
N PRO C 53 -3.47 2.65 -20.04
CA PRO C 53 -4.61 3.26 -20.76
C PRO C 53 -4.54 4.78 -20.88
N MET C 54 -3.62 5.43 -20.18
CA MET C 54 -3.39 6.88 -20.23
C MET C 54 -2.80 7.29 -21.57
N TYR C 55 -1.96 6.42 -22.17
CA TYR C 55 -1.28 6.67 -23.45
C TYR C 55 -1.48 5.57 -24.55
N GLY C 56 -2.07 4.44 -24.19
CA GLY C 56 -2.26 3.29 -25.09
C GLY C 56 -0.96 2.54 -25.36
N THR C 57 0.06 2.78 -24.51
CA THR C 57 1.38 2.16 -24.63
C THR C 57 1.40 0.74 -24.10
N THR C 58 2.07 -0.16 -24.83
CA THR C 58 2.12 -1.58 -24.47
C THR C 58 3.51 -2.18 -24.32
N ASP C 59 3.55 -3.33 -23.64
CA ASP C 59 4.68 -4.20 -23.41
C ASP C 59 4.12 -5.62 -23.38
N TYR C 60 4.70 -6.52 -24.18
CA TYR C 60 4.25 -7.90 -24.29
C TYR C 60 5.34 -8.90 -23.97
N ASN C 61 4.94 -10.12 -23.52
CA ASN C 61 5.88 -11.22 -23.24
C ASN C 61 6.34 -11.73 -24.63
N GLN C 62 7.66 -11.68 -24.88
CA GLN C 62 8.29 -12.07 -26.15
C GLN C 62 7.89 -13.44 -26.68
N ARG C 63 7.70 -14.43 -25.79
CA ARG C 63 7.32 -15.81 -26.11
C ARG C 63 6.04 -15.95 -26.96
N PHE C 64 5.15 -14.94 -26.93
CA PHE C 64 3.91 -14.96 -27.70
C PHE C 64 4.10 -14.61 -29.16
N LYS C 65 5.27 -14.04 -29.52
CA LYS C 65 5.70 -13.69 -30.89
C LYS C 65 4.64 -12.91 -31.71
N GLY C 66 4.17 -11.79 -31.15
CA GLY C 66 3.21 -10.91 -31.80
C GLY C 66 1.76 -11.36 -31.86
N ARG C 67 1.44 -12.53 -31.26
CA ARG C 67 0.07 -13.07 -31.25
C ARG C 67 -0.86 -12.32 -30.29
N VAL C 68 -0.30 -11.58 -29.31
CA VAL C 68 -1.05 -10.79 -28.33
C VAL C 68 -1.14 -9.32 -28.75
N THR C 69 -2.33 -8.74 -28.61
CA THR C 69 -2.62 -7.32 -28.80
C THR C 69 -3.50 -6.90 -27.64
N ILE C 70 -3.04 -5.96 -26.85
CA ILE C 70 -3.83 -5.43 -25.74
C ILE C 70 -4.17 -4.00 -26.08
N THR C 71 -5.45 -3.65 -25.97
CA THR C 71 -5.98 -2.32 -26.24
C THR C 71 -6.92 -1.91 -25.09
N ALA C 72 -7.23 -0.61 -25.00
CA ALA C 72 -8.10 -0.03 -23.98
C ALA C 72 -8.99 1.04 -24.58
N ASP C 73 -10.12 1.34 -23.90
CA ASP C 73 -11.06 2.36 -24.30
C ASP C 73 -11.51 3.14 -23.09
N GLU C 74 -11.13 4.44 -23.02
CA GLU C 74 -11.47 5.30 -21.90
C GLU C 74 -12.98 5.45 -21.73
N SER C 75 -13.71 5.72 -22.82
CA SER C 75 -15.17 5.97 -22.84
C SER C 75 -16.00 4.89 -22.20
N THR C 76 -15.54 3.63 -22.34
CA THR C 76 -16.22 2.46 -21.80
C THR C 76 -15.51 1.87 -20.58
N SER C 77 -14.25 2.30 -20.30
CA SER C 77 -13.41 1.82 -19.18
C SER C 77 -13.20 0.28 -19.33
N THR C 78 -12.80 -0.13 -20.54
CA THR C 78 -12.65 -1.52 -20.90
C THR C 78 -11.33 -1.71 -21.57
N ALA C 79 -10.63 -2.78 -21.17
CA ALA C 79 -9.37 -3.22 -21.76
C ALA C 79 -9.72 -4.53 -22.46
N TYR C 80 -9.01 -4.84 -23.53
CA TYR C 80 -9.21 -6.02 -24.36
C TYR C 80 -7.88 -6.70 -24.58
N MET C 81 -7.90 -8.01 -24.80
CA MET C 81 -6.73 -8.79 -25.13
C MET C 81 -7.13 -9.65 -26.30
N GLU C 82 -6.36 -9.57 -27.38
CA GLU C 82 -6.60 -10.37 -28.58
C GLU C 82 -5.44 -11.33 -28.76
N LEU C 83 -5.75 -12.62 -28.88
CA LEU C 83 -4.74 -13.64 -29.12
C LEU C 83 -5.03 -14.22 -30.50
N SER C 84 -4.05 -14.15 -31.42
CA SER C 84 -4.21 -14.67 -32.77
C SER C 84 -3.55 -16.04 -32.99
N SER C 85 -3.94 -16.74 -34.08
CA SER C 85 -3.43 -18.05 -34.48
C SER C 85 -3.43 -19.04 -33.31
N LEU C 86 -4.63 -19.26 -32.73
CA LEU C 86 -4.90 -20.11 -31.57
C LEU C 86 -4.51 -21.58 -31.74
N ARG C 87 -3.74 -22.12 -30.81
CA ARG C 87 -3.32 -23.52 -30.80
C ARG C 87 -3.92 -24.16 -29.52
N SER C 88 -4.08 -25.50 -29.48
CA SER C 88 -4.65 -26.19 -28.29
C SER C 88 -3.92 -25.83 -26.96
N GLU C 89 -2.64 -25.50 -27.06
CA GLU C 89 -1.78 -25.06 -25.95
C GLU C 89 -2.22 -23.65 -25.42
N ASP C 90 -3.10 -22.94 -26.18
CA ASP C 90 -3.66 -21.65 -25.78
C ASP C 90 -4.93 -21.83 -24.92
N THR C 91 -5.36 -23.10 -24.64
CA THR C 91 -6.52 -23.41 -23.77
C THR C 91 -6.07 -23.02 -22.38
N ALA C 92 -6.73 -22.02 -21.79
CA ALA C 92 -6.36 -21.45 -20.50
C ALA C 92 -7.42 -20.50 -19.98
N VAL C 93 -7.34 -20.18 -18.71
CA VAL C 93 -8.19 -19.14 -18.12
C VAL C 93 -7.36 -17.85 -18.26
N TYR C 94 -7.91 -16.85 -18.94
CA TYR C 94 -7.30 -15.56 -19.15
C TYR C 94 -7.80 -14.59 -18.12
N TYR C 95 -6.88 -13.91 -17.44
CA TYR C 95 -7.21 -12.95 -16.38
C TYR C 95 -6.72 -11.56 -16.73
N CYS C 96 -7.47 -10.54 -16.33
CA CYS C 96 -6.99 -9.17 -16.41
C CYS C 96 -6.78 -8.76 -14.95
N ALA C 97 -5.74 -7.98 -14.68
CA ALA C 97 -5.39 -7.49 -13.35
C ALA C 97 -4.97 -6.04 -13.38
N ARG C 98 -5.44 -5.28 -12.39
CA ARG C 98 -5.10 -3.88 -12.19
C ARG C 98 -3.82 -3.75 -11.34
N TYR C 99 -2.75 -3.21 -11.96
CA TYR C 99 -1.45 -2.96 -11.31
C TYR C 99 -1.35 -1.50 -10.85
N ASP C 100 -0.67 -1.28 -9.71
CA ASP C 100 -0.51 0.06 -9.13
C ASP C 100 0.90 0.22 -8.55
N TYR C 101 1.41 1.47 -8.39
CA TYR C 101 2.80 1.60 -7.96
C TYR C 101 3.00 1.55 -6.47
N PHE C 102 1.91 1.59 -5.63
CA PHE C 102 2.04 1.48 -4.18
C PHE C 102 2.40 0.02 -3.82
N THR C 103 1.89 -0.99 -4.60
CA THR C 103 2.21 -2.42 -4.36
C THR C 103 3.23 -2.88 -5.40
N GLY C 104 3.17 -2.30 -6.59
CA GLY C 104 4.02 -2.70 -7.72
C GLY C 104 3.45 -3.94 -8.39
N THR C 105 2.25 -4.38 -7.96
CA THR C 105 1.73 -5.63 -8.55
C THR C 105 0.20 -5.62 -8.82
N GLY C 106 -0.32 -6.76 -9.30
CA GLY C 106 -1.75 -6.97 -9.55
C GLY C 106 -2.55 -7.13 -8.29
N VAL C 107 -3.41 -6.16 -7.97
CA VAL C 107 -4.24 -6.24 -6.75
C VAL C 107 -5.65 -6.74 -7.05
N TYR C 108 -6.31 -6.10 -8.04
CA TYR C 108 -7.67 -6.45 -8.43
C TYR C 108 -7.66 -7.19 -9.73
N TRP C 109 -8.26 -8.38 -9.72
CA TRP C 109 -8.27 -9.32 -10.82
C TRP C 109 -9.71 -9.53 -11.27
N GLY C 110 -9.85 -9.84 -12.55
CA GLY C 110 -11.16 -10.20 -13.08
C GLY C 110 -11.45 -11.63 -12.65
N GLN C 111 -12.66 -12.15 -12.92
CA GLN C 111 -13.03 -13.53 -12.57
C GLN C 111 -12.36 -14.59 -13.45
N GLY C 112 -11.70 -14.17 -14.52
CA GLY C 112 -11.07 -15.07 -15.48
C GLY C 112 -12.00 -15.47 -16.63
N THR C 113 -11.43 -15.81 -17.81
CA THR C 113 -12.21 -16.24 -18.98
C THR C 113 -11.60 -17.52 -19.54
N LEU C 114 -12.33 -18.64 -19.46
CA LEU C 114 -11.76 -19.85 -20.03
C LEU C 114 -12.01 -19.86 -21.52
N VAL C 115 -10.93 -19.85 -22.28
CA VAL C 115 -10.95 -19.96 -23.72
C VAL C 115 -10.51 -21.39 -23.99
N THR C 116 -11.37 -22.18 -24.65
CA THR C 116 -11.06 -23.55 -25.04
C THR C 116 -10.68 -23.60 -26.53
N VAL C 117 -9.43 -23.98 -26.85
CA VAL C 117 -9.00 -24.06 -28.25
C VAL C 117 -9.29 -25.51 -28.72
N SER C 118 -10.37 -25.68 -29.49
CA SER C 118 -10.84 -26.99 -29.97
C SER C 118 -11.62 -26.86 -31.29
N SER C 119 -11.74 -27.97 -32.00
CA SER C 119 -12.46 -28.08 -33.27
C SER C 119 -13.89 -28.60 -33.04
N ALA C 120 -14.16 -29.15 -31.84
CA ALA C 120 -15.46 -29.72 -31.43
C ALA C 120 -16.55 -28.68 -31.23
N SER C 121 -17.77 -29.00 -31.68
CA SER C 121 -18.94 -28.14 -31.60
C SER C 121 -19.43 -27.92 -30.18
N THR C 122 -20.13 -26.82 -29.97
CA THR C 122 -20.68 -26.44 -28.69
C THR C 122 -21.91 -27.30 -28.41
N LYS C 123 -21.95 -27.93 -27.23
CA LYS C 123 -23.07 -28.76 -26.81
C LYS C 123 -23.56 -28.36 -25.44
N GLY C 124 -24.87 -28.16 -25.35
CA GLY C 124 -25.57 -27.80 -24.14
C GLY C 124 -25.84 -29.03 -23.28
N PRO C 125 -25.80 -28.88 -21.95
CA PRO C 125 -25.98 -30.06 -21.10
C PRO C 125 -27.42 -30.45 -20.81
N SER C 126 -27.63 -31.73 -20.50
CA SER C 126 -28.91 -32.23 -20.05
C SER C 126 -28.74 -32.26 -18.53
N VAL C 127 -29.79 -31.94 -17.78
CA VAL C 127 -29.73 -31.89 -16.32
C VAL C 127 -30.75 -32.88 -15.76
N PHE C 128 -30.28 -33.75 -14.85
CA PHE C 128 -31.11 -34.80 -14.26
C PHE C 128 -31.05 -34.75 -12.76
N PRO C 129 -32.15 -35.06 -12.04
CA PRO C 129 -32.08 -34.99 -10.59
C PRO C 129 -31.48 -36.23 -9.95
N LEU C 130 -30.80 -36.03 -8.81
CA LEU C 130 -30.23 -37.10 -8.00
C LEU C 130 -31.05 -37.05 -6.69
N ALA C 131 -32.25 -37.64 -6.75
CA ALA C 131 -33.24 -37.69 -5.67
C ALA C 131 -32.80 -38.55 -4.49
N PRO C 132 -33.13 -38.17 -3.23
CA PRO C 132 -32.71 -38.97 -2.07
C PRO C 132 -33.25 -40.40 -2.02
N GLY C 140 -32.33 -36.58 11.03
CA GLY C 140 -31.15 -37.11 10.35
C GLY C 140 -30.62 -36.22 9.24
N THR C 141 -29.69 -36.77 8.42
CA THR C 141 -29.08 -36.03 7.31
C THR C 141 -29.34 -36.75 6.00
N ALA C 142 -29.80 -35.99 4.99
CA ALA C 142 -30.10 -36.53 3.66
C ALA C 142 -29.30 -35.82 2.59
N ALA C 143 -28.99 -36.52 1.48
CA ALA C 143 -28.23 -35.98 0.38
C ALA C 143 -28.97 -36.09 -0.93
N LEU C 144 -28.90 -35.02 -1.73
CA LEU C 144 -29.51 -34.92 -3.06
C LEU C 144 -28.63 -34.09 -3.98
N GLY C 145 -28.89 -34.16 -5.28
CA GLY C 145 -28.08 -33.41 -6.23
C GLY C 145 -28.63 -33.32 -7.65
N CYS C 146 -27.77 -32.90 -8.60
CA CYS C 146 -28.09 -32.77 -10.03
C CYS C 146 -26.97 -33.32 -10.84
N LEU C 147 -27.30 -34.16 -11.79
CA LEU C 147 -26.31 -34.65 -12.74
C LEU C 147 -26.43 -33.77 -13.96
N VAL C 148 -25.30 -33.16 -14.33
CA VAL C 148 -25.20 -32.24 -15.44
C VAL C 148 -24.34 -32.98 -16.45
N LYS C 149 -24.97 -33.51 -17.48
CA LYS C 149 -24.36 -34.42 -18.42
C LYS C 149 -24.29 -33.94 -19.85
N ASP C 150 -23.20 -34.36 -20.56
CA ASP C 150 -22.91 -34.20 -21.97
C ASP C 150 -22.94 -32.77 -22.44
N TYR C 151 -21.92 -32.00 -22.04
CA TYR C 151 -21.74 -30.64 -22.50
C TYR C 151 -20.32 -30.45 -23.02
N PHE C 152 -20.12 -29.40 -23.79
CA PHE C 152 -18.85 -28.96 -24.34
C PHE C 152 -18.96 -27.52 -24.81
N PRO C 153 -17.98 -26.63 -24.50
CA PRO C 153 -16.78 -26.90 -23.71
C PRO C 153 -17.07 -26.67 -22.23
N GLU C 154 -16.01 -26.58 -21.45
CA GLU C 154 -16.10 -26.22 -20.06
C GLU C 154 -16.23 -24.66 -20.07
N PRO C 155 -16.91 -24.03 -19.11
CA PRO C 155 -17.42 -24.57 -17.86
C PRO C 155 -18.92 -24.51 -17.73
N VAL C 156 -19.38 -25.18 -16.70
CA VAL C 156 -20.75 -25.19 -16.28
C VAL C 156 -20.70 -24.66 -14.87
N THR C 157 -21.63 -23.79 -14.51
CA THR C 157 -21.68 -23.32 -13.15
C THR C 157 -22.96 -23.85 -12.56
N VAL C 158 -22.92 -24.20 -11.28
CA VAL C 158 -24.12 -24.72 -10.61
C VAL C 158 -24.27 -23.99 -9.28
N SER C 159 -25.51 -23.60 -8.97
CA SER C 159 -25.86 -23.00 -7.69
C SER C 159 -27.11 -23.68 -7.18
N TRP C 160 -27.37 -23.57 -5.88
CA TRP C 160 -28.55 -24.18 -5.30
C TRP C 160 -29.52 -23.15 -4.75
N ASN C 161 -30.83 -23.37 -4.99
CA ASN C 161 -31.94 -22.50 -4.56
C ASN C 161 -31.61 -21.02 -4.81
N SER C 162 -31.35 -20.69 -6.10
CA SER C 162 -30.98 -19.38 -6.66
C SER C 162 -29.77 -18.71 -5.98
N GLY C 163 -28.86 -19.53 -5.46
CA GLY C 163 -27.61 -19.11 -4.81
C GLY C 163 -27.69 -18.86 -3.31
N ALA C 164 -28.82 -19.25 -2.68
CA ALA C 164 -29.06 -19.08 -1.25
C ALA C 164 -28.39 -20.19 -0.43
N LEU C 165 -28.68 -21.46 -0.81
CA LEU C 165 -28.18 -22.69 -0.20
C LEU C 165 -26.71 -22.94 -0.63
N THR C 166 -25.74 -22.51 0.23
CA THR C 166 -24.30 -22.67 0.00
C THR C 166 -23.57 -23.55 1.04
N SER C 167 -24.29 -24.05 2.06
CA SER C 167 -23.69 -24.90 3.09
C SER C 167 -23.97 -26.38 2.80
N GLY C 168 -22.90 -27.18 2.80
CA GLY C 168 -22.96 -28.63 2.52
C GLY C 168 -23.12 -28.95 1.06
N VAL C 169 -22.73 -28.01 0.17
CA VAL C 169 -22.83 -28.18 -1.28
C VAL C 169 -21.47 -28.57 -1.85
N HIS C 170 -21.46 -29.52 -2.81
CA HIS C 170 -20.23 -29.98 -3.48
C HIS C 170 -20.51 -30.14 -4.96
N THR C 171 -19.92 -29.26 -5.76
CA THR C 171 -19.98 -29.31 -7.21
C THR C 171 -18.64 -29.89 -7.58
N PHE C 172 -18.70 -31.09 -8.14
CA PHE C 172 -17.54 -31.88 -8.49
C PHE C 172 -16.85 -31.36 -9.74
N PRO C 173 -15.49 -31.47 -9.83
CA PRO C 173 -14.81 -31.10 -11.08
C PRO C 173 -15.38 -31.97 -12.21
N ALA C 174 -15.49 -31.42 -13.41
CA ALA C 174 -16.02 -32.17 -14.55
C ALA C 174 -15.06 -33.28 -14.98
N VAL C 175 -15.60 -34.35 -15.59
CA VAL C 175 -14.82 -35.46 -16.15
C VAL C 175 -15.11 -35.52 -17.65
N LEU C 176 -14.06 -35.69 -18.44
CA LEU C 176 -14.17 -35.82 -19.90
C LEU C 176 -14.53 -37.27 -20.18
N GLN C 177 -15.64 -37.50 -20.89
CA GLN C 177 -16.13 -38.86 -21.21
C GLN C 177 -15.47 -39.35 -22.50
N SER C 178 -15.52 -40.68 -22.76
CA SER C 178 -14.96 -41.32 -23.97
C SER C 178 -15.52 -40.68 -25.22
N SER C 179 -16.78 -40.20 -25.14
CA SER C 179 -17.52 -39.48 -26.18
C SER C 179 -16.92 -38.12 -26.54
N GLY C 180 -16.08 -37.55 -25.65
CA GLY C 180 -15.47 -36.24 -25.84
C GLY C 180 -16.35 -35.13 -25.29
N LEU C 181 -17.35 -35.51 -24.45
CA LEU C 181 -18.28 -34.59 -23.78
C LEU C 181 -18.04 -34.60 -22.25
N TYR C 182 -18.25 -33.48 -21.58
CA TYR C 182 -18.03 -33.38 -20.14
C TYR C 182 -19.27 -33.73 -19.40
N SER C 183 -19.10 -34.08 -18.14
CA SER C 183 -20.20 -34.38 -17.24
C SER C 183 -19.76 -34.02 -15.84
N LEU C 184 -20.72 -33.66 -14.98
CA LEU C 184 -20.44 -33.36 -13.59
C LEU C 184 -21.68 -33.53 -12.73
N SER C 185 -21.49 -33.56 -11.45
CA SER C 185 -22.58 -33.62 -10.50
C SER C 185 -22.40 -32.53 -9.46
N SER C 186 -23.51 -32.10 -8.86
CA SER C 186 -23.51 -31.14 -7.78
C SER C 186 -24.39 -31.77 -6.76
N VAL C 187 -23.89 -31.90 -5.52
CA VAL C 187 -24.65 -32.52 -4.44
C VAL C 187 -24.82 -31.56 -3.29
N VAL C 188 -25.75 -31.86 -2.37
CA VAL C 188 -25.99 -31.05 -1.18
C VAL C 188 -26.56 -31.91 -0.03
N THR C 189 -26.02 -31.70 1.18
CA THR C 189 -26.47 -32.41 2.37
C THR C 189 -27.40 -31.48 3.13
N VAL C 190 -28.61 -31.97 3.36
CA VAL C 190 -29.66 -31.23 4.04
C VAL C 190 -30.37 -32.08 5.08
N PRO C 191 -30.79 -31.49 6.23
CA PRO C 191 -31.54 -32.28 7.22
C PRO C 191 -32.79 -32.90 6.58
N SER C 192 -33.02 -34.20 6.82
CA SER C 192 -34.10 -35.00 6.24
C SER C 192 -35.53 -34.46 6.49
N SER C 193 -35.68 -33.41 7.32
CA SER C 193 -36.95 -32.78 7.64
C SER C 193 -37.55 -32.06 6.42
N SER C 194 -36.71 -31.26 5.75
CA SER C 194 -37.04 -30.45 4.58
C SER C 194 -37.46 -31.26 3.34
N LEU C 195 -37.18 -32.58 3.33
CA LEU C 195 -37.55 -33.48 2.23
C LEU C 195 -39.09 -33.55 2.08
N GLY C 196 -39.60 -32.68 1.21
CA GLY C 196 -41.03 -32.51 0.96
C GLY C 196 -41.56 -31.27 1.66
N THR C 197 -40.78 -30.75 2.63
CA THR C 197 -41.09 -29.58 3.45
C THR C 197 -40.34 -28.29 3.02
N GLN C 198 -39.51 -28.33 1.95
CA GLN C 198 -38.82 -27.12 1.47
C GLN C 198 -38.69 -27.04 -0.06
N THR C 199 -38.44 -28.18 -0.75
CA THR C 199 -38.25 -28.35 -2.21
C THR C 199 -36.93 -27.71 -2.69
N TYR C 200 -36.04 -28.54 -3.25
CA TYR C 200 -34.72 -28.07 -3.68
C TYR C 200 -34.56 -28.03 -5.20
N ILE C 201 -33.97 -26.93 -5.70
CA ILE C 201 -33.76 -26.70 -7.13
C ILE C 201 -32.35 -26.25 -7.42
N CYS C 202 -31.74 -26.82 -8.46
CA CYS C 202 -30.39 -26.44 -8.84
C CYS C 202 -30.42 -25.60 -10.10
N ASN C 203 -29.69 -24.52 -10.06
CA ASN C 203 -29.58 -23.59 -11.17
C ASN C 203 -28.32 -23.90 -11.90
N VAL C 204 -28.47 -24.48 -13.08
CA VAL C 204 -27.38 -24.88 -13.97
C VAL C 204 -27.25 -23.86 -15.08
N ASN C 205 -26.02 -23.42 -15.31
CA ASN C 205 -25.74 -22.46 -16.36
C ASN C 205 -24.52 -22.89 -17.16
N HIS C 206 -24.68 -22.96 -18.50
CA HIS C 206 -23.63 -23.26 -19.47
C HIS C 206 -23.69 -22.12 -20.44
N LYS C 207 -22.94 -21.07 -20.15
CA LYS C 207 -22.99 -19.88 -20.95
C LYS C 207 -22.51 -20.08 -22.40
N PRO C 208 -21.50 -20.94 -22.75
CA PRO C 208 -21.14 -21.08 -24.18
C PRO C 208 -22.29 -21.54 -25.10
N SER C 209 -23.32 -22.18 -24.55
CA SER C 209 -24.48 -22.66 -25.31
C SER C 209 -25.80 -21.99 -24.89
N ASN C 210 -25.71 -20.93 -24.07
CA ASN C 210 -26.88 -20.18 -23.54
C ASN C 210 -27.91 -21.09 -22.86
N THR C 211 -27.44 -22.19 -22.23
CA THR C 211 -28.33 -23.12 -21.52
C THR C 211 -28.45 -22.62 -20.11
N LYS C 212 -29.69 -22.52 -19.65
CA LYS C 212 -30.03 -22.12 -18.29
C LYS C 212 -31.12 -23.10 -17.91
N VAL C 213 -30.86 -23.92 -16.88
CA VAL C 213 -31.81 -24.94 -16.46
C VAL C 213 -31.98 -24.79 -14.97
N ASP C 214 -33.24 -24.92 -14.50
CA ASP C 214 -33.58 -24.91 -13.08
C ASP C 214 -34.36 -26.20 -12.85
N LYS C 215 -33.65 -27.24 -12.37
CA LYS C 215 -34.24 -28.55 -12.16
C LYS C 215 -34.74 -28.73 -10.74
N LYS C 216 -35.91 -29.35 -10.62
CA LYS C 216 -36.57 -29.64 -9.36
C LYS C 216 -36.13 -31.01 -8.87
N VAL C 217 -35.49 -31.03 -7.68
CA VAL C 217 -35.03 -32.26 -7.05
C VAL C 217 -36.07 -32.66 -5.98
N GLU C 218 -36.92 -33.65 -6.31
CA GLU C 218 -37.99 -34.16 -5.44
C GLU C 218 -38.00 -35.69 -5.36
N PRO C 219 -38.25 -36.26 -4.16
CA PRO C 219 -38.23 -37.75 -4.03
C PRO C 219 -39.36 -38.48 -4.73
N ASP D 1 14.51 -14.35 -19.40
CA ASP D 1 13.40 -14.13 -18.47
C ASP D 1 13.72 -14.75 -17.10
N ILE D 2 13.51 -13.99 -16.02
CA ILE D 2 13.79 -14.37 -14.62
C ILE D 2 12.99 -15.62 -14.19
N VAL D 3 13.72 -16.69 -13.86
CA VAL D 3 13.12 -17.97 -13.42
C VAL D 3 12.90 -17.88 -11.92
N MET D 4 11.67 -18.14 -11.47
CA MET D 4 11.25 -18.12 -10.06
C MET D 4 11.11 -19.58 -9.57
N THR D 5 12.04 -20.06 -8.75
CA THR D 5 12.06 -21.45 -8.27
C THR D 5 11.42 -21.55 -6.90
N GLN D 6 10.25 -22.16 -6.83
CA GLN D 6 9.55 -22.29 -5.57
C GLN D 6 9.76 -23.70 -5.00
N THR D 7 9.95 -23.81 -3.66
CA THR D 7 10.14 -25.08 -2.92
C THR D 7 9.48 -25.02 -1.52
N PRO D 8 8.81 -26.08 -1.02
CA PRO D 8 8.50 -27.35 -1.72
C PRO D 8 7.39 -27.15 -2.76
N LEU D 9 7.08 -28.17 -3.60
CA LEU D 9 5.99 -28.05 -4.57
C LEU D 9 4.64 -28.37 -3.93
N SER D 10 4.65 -29.18 -2.84
CA SER D 10 3.46 -29.58 -2.08
C SER D 10 3.80 -29.53 -0.59
N LEU D 11 2.81 -29.40 0.28
CA LEU D 11 3.04 -29.31 1.69
C LEU D 11 1.83 -29.80 2.42
N SER D 12 2.03 -30.68 3.44
CA SER D 12 0.98 -31.19 4.33
C SER D 12 1.35 -30.63 5.65
N VAL D 13 0.37 -30.09 6.38
CA VAL D 13 0.53 -29.39 7.63
C VAL D 13 -0.61 -29.71 8.55
N THR D 14 -0.30 -29.85 9.85
CA THR D 14 -1.21 -30.11 10.95
C THR D 14 -1.89 -28.80 11.37
N PRO D 15 -3.19 -28.79 11.68
CA PRO D 15 -3.85 -27.53 12.06
C PRO D 15 -3.20 -26.86 13.30
N GLY D 16 -2.81 -25.59 13.14
CA GLY D 16 -2.18 -24.82 14.22
C GLY D 16 -0.67 -24.75 14.11
N GLN D 17 -0.11 -25.53 13.17
CA GLN D 17 1.32 -25.64 12.90
C GLN D 17 1.82 -24.63 11.85
N PRO D 18 3.12 -24.22 11.85
CA PRO D 18 3.54 -23.27 10.83
C PRO D 18 3.90 -23.97 9.53
N ALA D 19 4.05 -23.18 8.45
CA ALA D 19 4.47 -23.65 7.14
C ALA D 19 5.42 -22.62 6.59
N SER D 20 6.31 -23.04 5.69
CA SER D 20 7.27 -22.11 5.11
C SER D 20 7.52 -22.48 3.65
N ILE D 21 7.36 -21.49 2.74
CA ILE D 21 7.53 -21.64 1.31
C ILE D 21 8.66 -20.75 0.92
N SER D 22 9.57 -21.25 0.11
CA SER D 22 10.71 -20.48 -0.32
C SER D 22 10.67 -20.20 -1.81
N CYS D 23 11.13 -18.99 -2.20
CA CYS D 23 11.22 -18.59 -3.60
C CYS D 23 12.67 -18.17 -3.87
N ARG D 24 13.21 -18.59 -5.03
CA ARG D 24 14.57 -18.22 -5.43
C ARG D 24 14.58 -17.76 -6.88
N SER D 25 15.07 -16.53 -7.16
CA SER D 25 15.11 -16.01 -8.53
C SER D 25 16.46 -16.18 -9.20
N SER D 26 16.49 -16.25 -10.54
CA SER D 26 17.72 -16.38 -11.34
C SER D 26 18.63 -15.12 -11.29
N ARG D 27 18.04 -13.91 -11.12
CA ARG D 27 18.75 -12.63 -10.96
C ARG D 27 18.12 -11.84 -9.80
N SER D 28 18.81 -10.80 -9.30
CA SER D 28 18.36 -9.93 -8.20
C SER D 28 17.04 -9.24 -8.50
N LEU D 29 16.15 -9.15 -7.50
CA LEU D 29 14.87 -8.47 -7.67
C LEU D 29 14.89 -7.05 -7.09
N VAL D 30 16.07 -6.61 -6.59
CA VAL D 30 16.26 -5.25 -6.05
C VAL D 30 16.05 -4.31 -7.25
N HIS D 31 15.13 -3.34 -7.07
CA HIS D 31 14.85 -2.37 -8.12
C HIS D 31 15.67 -1.10 -7.86
N SER D 32 15.56 -0.60 -6.62
CA SER D 32 16.15 0.61 -6.08
C SER D 32 16.07 0.46 -4.56
N ARG D 33 16.65 1.43 -3.81
CA ARG D 33 16.68 1.47 -2.34
C ARG D 33 15.28 1.35 -1.76
N GLY D 34 15.09 0.35 -0.89
CA GLY D 34 13.81 0.07 -0.23
C GLY D 34 12.76 -0.53 -1.15
N ASN D 35 13.14 -0.89 -2.39
CA ASN D 35 12.18 -1.44 -3.36
C ASN D 35 12.58 -2.75 -3.99
N THR D 36 11.98 -3.84 -3.50
CA THR D 36 12.17 -5.17 -4.09
C THR D 36 10.78 -5.65 -4.48
N TYR D 37 10.57 -5.87 -5.77
CA TYR D 37 9.24 -6.22 -6.29
C TYR D 37 9.05 -7.75 -6.35
N LEU D 38 8.85 -8.34 -5.16
CA LEU D 38 8.66 -9.79 -4.95
C LEU D 38 7.36 -9.91 -4.15
N HIS D 39 6.35 -10.64 -4.66
CA HIS D 39 5.06 -10.71 -3.92
C HIS D 39 4.60 -12.16 -3.79
N TRP D 40 3.64 -12.38 -2.87
CA TRP D 40 3.06 -13.68 -2.65
C TRP D 40 1.55 -13.65 -2.85
N TYR D 41 1.05 -14.64 -3.58
CA TYR D 41 -0.38 -14.80 -3.84
C TYR D 41 -0.86 -16.16 -3.39
N LEU D 42 -2.10 -16.19 -2.91
CA LEU D 42 -2.84 -17.41 -2.61
C LEU D 42 -3.95 -17.49 -3.70
N GLN D 43 -4.11 -18.66 -4.30
CA GLN D 43 -5.19 -18.90 -5.25
C GLN D 43 -5.97 -20.08 -4.73
N LYS D 44 -7.17 -19.81 -4.21
N LYS D 44 -7.18 -19.81 -4.21
CA LYS D 44 -8.10 -20.82 -3.71
CA LYS D 44 -8.11 -20.81 -3.70
C LYS D 44 -8.71 -21.55 -4.91
C LYS D 44 -8.72 -21.54 -4.91
N PRO D 45 -9.15 -22.83 -4.78
CA PRO D 45 -9.69 -23.55 -5.96
C PRO D 45 -10.83 -22.86 -6.70
N GLY D 46 -10.67 -22.74 -8.01
CA GLY D 46 -11.61 -22.07 -8.90
C GLY D 46 -11.72 -20.54 -8.76
N GLN D 47 -10.80 -19.91 -8.01
CA GLN D 47 -10.80 -18.47 -7.79
C GLN D 47 -9.61 -17.81 -8.48
N SER D 48 -9.62 -16.48 -8.54
CA SER D 48 -8.53 -15.67 -9.10
C SER D 48 -7.43 -15.56 -8.02
N PRO D 49 -6.14 -15.35 -8.41
CA PRO D 49 -5.08 -15.17 -7.38
C PRO D 49 -5.37 -13.95 -6.53
N GLN D 50 -5.16 -14.06 -5.20
CA GLN D 50 -5.36 -12.94 -4.30
C GLN D 50 -4.03 -12.59 -3.61
N LEU D 51 -3.68 -11.30 -3.62
CA LEU D 51 -2.44 -10.79 -3.03
C LEU D 51 -2.44 -10.97 -1.54
N LEU D 52 -1.35 -11.53 -1.04
CA LEU D 52 -1.22 -11.63 0.39
C LEU D 52 -0.14 -10.67 0.87
N ILE D 53 1.02 -10.69 0.18
CA ILE D 53 2.22 -9.97 0.53
C ILE D 53 2.78 -9.34 -0.71
N TYR D 54 3.15 -8.05 -0.65
CA TYR D 54 3.84 -7.38 -1.77
C TYR D 54 5.11 -6.75 -1.30
N LYS D 55 6.07 -6.70 -2.21
CA LYS D 55 7.34 -6.01 -1.98
C LYS D 55 8.11 -6.58 -0.83
N VAL D 56 8.13 -7.94 -0.77
CA VAL D 56 8.85 -8.78 0.20
C VAL D 56 8.07 -8.99 1.52
N SER D 57 7.62 -7.94 2.21
CA SER D 57 7.05 -8.11 3.56
C SER D 57 5.82 -7.34 3.91
N ASN D 58 5.32 -6.55 2.97
CA ASN D 58 4.13 -5.75 3.16
C ASN D 58 2.92 -6.64 3.03
N ARG D 59 1.99 -6.53 3.97
CA ARG D 59 0.77 -7.32 4.02
C ARG D 59 -0.37 -6.49 3.38
N PHE D 60 -1.16 -7.10 2.46
CA PHE D 60 -2.28 -6.40 1.83
C PHE D 60 -3.42 -6.21 2.83
N ILE D 61 -4.42 -5.41 2.47
CA ILE D 61 -5.62 -5.15 3.27
C ILE D 61 -6.26 -6.48 3.68
N GLY D 62 -6.55 -6.57 4.98
CA GLY D 62 -7.15 -7.76 5.58
C GLY D 62 -6.27 -8.97 5.74
N VAL D 63 -5.01 -8.95 5.25
CA VAL D 63 -4.12 -10.09 5.36
C VAL D 63 -3.62 -10.21 6.80
N PRO D 64 -3.92 -11.34 7.52
CA PRO D 64 -3.47 -11.46 8.92
C PRO D 64 -1.96 -11.51 9.13
N ASP D 65 -1.55 -11.20 10.36
CA ASP D 65 -0.14 -11.23 10.82
C ASP D 65 0.53 -12.63 10.73
N ARG D 66 -0.27 -13.75 10.65
CA ARG D 66 0.33 -15.10 10.52
C ARG D 66 1.04 -15.27 9.17
N PHE D 67 0.64 -14.45 8.18
CA PHE D 67 1.32 -14.46 6.89
C PHE D 67 2.40 -13.40 7.02
N SER D 68 3.66 -13.80 6.77
CA SER D 68 4.80 -12.90 6.84
C SER D 68 5.71 -13.30 5.72
N GLY D 69 6.36 -12.32 5.12
CA GLY D 69 7.31 -12.57 4.04
C GLY D 69 8.65 -11.96 4.44
N SER D 70 9.79 -12.53 3.94
CA SER D 70 11.12 -12.01 4.24
C SER D 70 12.04 -12.39 3.11
N GLY D 71 13.29 -11.95 3.19
CA GLY D 71 14.30 -12.24 2.17
C GLY D 71 14.87 -10.99 1.59
N SER D 72 15.72 -11.15 0.54
CA SER D 72 16.42 -10.07 -0.14
C SER D 72 17.21 -10.65 -1.31
N GLY D 73 17.50 -9.82 -2.29
CA GLY D 73 18.28 -10.18 -3.48
C GLY D 73 17.63 -11.21 -4.38
N THR D 74 18.00 -12.50 -4.18
CA THR D 74 17.48 -13.62 -4.98
C THR D 74 16.79 -14.71 -4.13
N ASP D 75 16.80 -14.57 -2.79
CA ASP D 75 16.25 -15.63 -1.96
C ASP D 75 15.24 -15.01 -1.04
N PHE D 76 14.01 -15.56 -1.05
CA PHE D 76 12.87 -15.03 -0.29
C PHE D 76 12.06 -16.16 0.29
N THR D 77 11.27 -15.86 1.32
CA THR D 77 10.49 -16.88 1.99
C THR D 77 9.18 -16.32 2.49
N LEU D 78 8.10 -17.11 2.35
CA LEU D 78 6.78 -16.82 2.88
C LEU D 78 6.63 -17.76 4.01
N LYS D 79 6.02 -17.27 5.10
CA LYS D 79 5.81 -18.07 6.26
C LYS D 79 4.42 -17.87 6.81
N ILE D 80 3.71 -18.99 7.06
CA ILE D 80 2.40 -18.99 7.70
C ILE D 80 2.78 -19.59 9.04
N SER D 81 2.33 -19.02 10.17
CA SER D 81 2.81 -19.47 11.49
C SER D 81 1.83 -20.40 12.26
N ARG D 82 0.51 -20.34 11.93
CA ARG D 82 -0.57 -21.13 12.54
C ARG D 82 -1.57 -21.52 11.42
N VAL D 83 -1.11 -22.41 10.49
CA VAL D 83 -1.87 -22.88 9.33
C VAL D 83 -3.27 -23.34 9.72
N GLU D 84 -4.27 -22.70 9.10
CA GLU D 84 -5.70 -22.85 9.33
C GLU D 84 -6.44 -23.42 8.11
N ALA D 85 -7.57 -24.06 8.35
CA ALA D 85 -8.39 -24.73 7.32
C ALA D 85 -8.53 -23.85 6.03
N GLU D 86 -8.94 -22.58 6.19
CA GLU D 86 -9.07 -21.60 5.11
C GLU D 86 -7.77 -21.38 4.28
N ASP D 87 -6.57 -21.80 4.76
CA ASP D 87 -5.30 -21.55 4.03
C ASP D 87 -5.01 -22.49 2.89
N VAL D 88 -5.87 -23.51 2.72
CA VAL D 88 -5.78 -24.48 1.64
C VAL D 88 -5.91 -23.72 0.28
N GLY D 89 -5.02 -24.06 -0.64
CA GLY D 89 -5.01 -23.43 -1.96
C GLY D 89 -3.61 -23.59 -2.53
N VAL D 90 -3.27 -22.83 -3.60
CA VAL D 90 -1.93 -22.84 -4.26
C VAL D 90 -1.25 -21.47 -4.08
N TYR D 91 -0.04 -21.47 -3.52
CA TYR D 91 0.72 -20.26 -3.29
C TYR D 91 1.66 -20.00 -4.42
N TYR D 92 1.73 -18.71 -4.84
CA TYR D 92 2.62 -18.32 -5.94
C TYR D 92 3.50 -17.17 -5.50
N CYS D 93 4.75 -17.18 -5.95
CA CYS D 93 5.61 -16.02 -5.71
C CYS D 93 5.70 -15.29 -7.07
N SER D 94 5.64 -13.95 -7.06
CA SER D 94 5.70 -13.18 -8.30
C SER D 94 6.80 -12.14 -8.25
N GLN D 95 7.46 -11.88 -9.38
CA GLN D 95 8.41 -10.78 -9.51
C GLN D 95 7.91 -9.71 -10.52
N SER D 96 8.02 -8.42 -10.18
CA SER D 96 7.64 -7.32 -11.06
C SER D 96 8.74 -6.25 -11.18
N THR D 97 10.01 -6.70 -11.06
CA THR D 97 11.21 -5.88 -11.14
C THR D 97 11.64 -5.74 -12.61
N HIS D 98 11.66 -6.86 -13.34
CA HIS D 98 12.06 -6.86 -14.75
C HIS D 98 11.01 -7.51 -15.62
N LEU D 99 10.79 -6.93 -16.80
CA LEU D 99 9.88 -7.48 -17.79
C LEU D 99 10.57 -8.65 -18.52
N PRO D 100 9.83 -9.74 -18.87
CA PRO D 100 8.42 -9.99 -18.55
C PRO D 100 8.27 -10.39 -17.10
N PHE D 101 7.12 -10.03 -16.51
CA PHE D 101 6.86 -10.38 -15.11
C PHE D 101 6.69 -11.90 -15.02
N THR D 102 7.24 -12.50 -13.96
CA THR D 102 7.26 -13.96 -13.85
C THR D 102 6.78 -14.45 -12.52
N PHE D 103 6.27 -15.68 -12.52
CA PHE D 103 5.70 -16.35 -11.35
C PHE D 103 6.41 -17.68 -11.06
N GLY D 104 6.38 -18.09 -9.79
CA GLY D 104 6.85 -19.40 -9.36
C GLY D 104 5.87 -20.44 -9.85
N GLN D 105 6.28 -21.74 -9.90
CA GLN D 105 5.41 -22.83 -10.40
C GLN D 105 4.20 -23.06 -9.49
N GLY D 106 4.25 -22.59 -8.26
CA GLY D 106 3.18 -22.76 -7.28
C GLY D 106 3.46 -23.86 -6.27
N THR D 107 2.83 -23.74 -5.09
CA THR D 107 3.01 -24.67 -3.99
C THR D 107 1.63 -24.94 -3.44
N LYS D 108 1.19 -26.22 -3.50
CA LYS D 108 -0.11 -26.66 -3.03
C LYS D 108 -0.08 -26.91 -1.54
N LEU D 109 -0.90 -26.23 -0.79
CA LEU D 109 -0.98 -26.44 0.64
C LEU D 109 -2.16 -27.31 0.98
N GLU D 110 -1.85 -28.47 1.57
CA GLU D 110 -2.87 -29.39 2.06
C GLU D 110 -2.79 -29.49 3.59
N ILE D 111 -3.96 -29.65 4.23
CA ILE D 111 -4.03 -29.79 5.66
C ILE D 111 -4.12 -31.31 6.05
N LYS D 112 -3.25 -31.77 6.99
CA LYS D 112 -3.27 -33.17 7.50
C LYS D 112 -4.14 -33.11 8.76
N ARG D 113 -5.45 -33.45 8.65
CA ARG D 113 -6.39 -33.46 9.78
C ARG D 113 -6.61 -34.91 10.32
N THR D 114 -7.60 -35.11 11.24
CA THR D 114 -7.87 -36.44 11.76
C THR D 114 -8.60 -37.25 10.71
N VAL D 115 -8.67 -38.58 10.92
CA VAL D 115 -9.37 -39.48 10.03
C VAL D 115 -10.87 -39.23 10.16
N ALA D 116 -11.55 -39.05 9.01
CA ALA D 116 -12.98 -38.84 8.92
C ALA D 116 -13.56 -39.83 7.90
N ALA D 117 -14.49 -40.67 8.36
CA ALA D 117 -15.14 -41.68 7.55
C ALA D 117 -16.18 -41.06 6.64
N PRO D 118 -16.28 -41.51 5.38
CA PRO D 118 -17.31 -40.95 4.49
C PRO D 118 -18.73 -41.37 4.84
N SER D 119 -19.69 -40.51 4.50
CA SER D 119 -21.13 -40.75 4.62
C SER D 119 -21.51 -41.16 3.18
N VAL D 120 -21.94 -42.43 2.96
CA VAL D 120 -22.23 -42.95 1.63
C VAL D 120 -23.72 -42.83 1.26
N PHE D 121 -23.96 -42.45 -0.01
CA PHE D 121 -25.27 -42.24 -0.63
C PHE D 121 -25.19 -42.76 -2.06
N ILE D 122 -26.26 -43.42 -2.52
CA ILE D 122 -26.39 -43.96 -3.86
C ILE D 122 -27.64 -43.38 -4.51
N PHE D 123 -27.54 -43.07 -5.79
CA PHE D 123 -28.61 -42.46 -6.57
C PHE D 123 -28.85 -43.23 -7.84
N PRO D 124 -30.10 -43.71 -8.05
CA PRO D 124 -30.41 -44.43 -9.31
C PRO D 124 -30.61 -43.45 -10.47
N PRO D 125 -30.58 -43.89 -11.75
CA PRO D 125 -30.85 -42.95 -12.85
C PRO D 125 -32.31 -42.47 -12.86
N SER D 126 -32.54 -41.20 -13.24
CA SER D 126 -33.88 -40.60 -13.33
C SER D 126 -34.63 -41.19 -14.51
N ASP D 127 -35.97 -41.34 -14.37
CA ASP D 127 -36.81 -41.87 -15.47
C ASP D 127 -36.63 -41.02 -16.74
N GLU D 128 -36.49 -39.69 -16.55
CA GLU D 128 -36.23 -38.66 -17.57
C GLU D 128 -34.96 -38.99 -18.40
N GLN D 129 -33.88 -39.44 -17.73
CA GLN D 129 -32.62 -39.79 -18.40
C GLN D 129 -32.74 -41.11 -19.13
N LEU D 130 -33.46 -42.05 -18.50
CA LEU D 130 -33.69 -43.40 -19.03
C LEU D 130 -34.37 -43.32 -20.40
N LYS D 131 -35.31 -42.35 -20.56
CA LYS D 131 -36.00 -42.08 -21.84
C LYS D 131 -35.00 -41.77 -22.97
N SER D 132 -33.80 -41.25 -22.64
CA SER D 132 -32.75 -40.91 -23.60
C SER D 132 -31.94 -42.10 -24.12
N GLY D 133 -32.01 -43.24 -23.42
CA GLY D 133 -31.28 -44.45 -23.84
C GLY D 133 -30.00 -44.73 -23.08
N THR D 134 -29.79 -44.03 -21.94
CA THR D 134 -28.61 -44.18 -21.05
C THR D 134 -29.03 -44.07 -19.60
N ALA D 135 -28.25 -44.73 -18.72
CA ALA D 135 -28.47 -44.77 -17.28
C ALA D 135 -27.15 -44.47 -16.55
N SER D 136 -27.18 -43.46 -15.68
CA SER D 136 -26.05 -43.04 -14.86
C SER D 136 -26.45 -43.31 -13.43
N VAL D 137 -25.70 -44.17 -12.75
CA VAL D 137 -25.93 -44.50 -11.35
C VAL D 137 -24.80 -43.79 -10.58
N VAL D 138 -25.14 -42.99 -9.57
CA VAL D 138 -24.15 -42.19 -8.84
C VAL D 138 -23.97 -42.64 -7.41
N CYS D 139 -22.71 -42.78 -6.97
CA CYS D 139 -22.38 -43.09 -5.57
C CYS D 139 -21.57 -41.90 -5.03
N LEU D 140 -22.07 -41.27 -3.96
CA LEU D 140 -21.46 -40.13 -3.30
C LEU D 140 -20.82 -40.51 -1.96
N LEU D 141 -19.56 -40.12 -1.78
CA LEU D 141 -18.77 -40.30 -0.55
C LEU D 141 -18.56 -38.89 -0.04
N ASN D 142 -19.31 -38.52 1.00
CA ASN D 142 -19.30 -37.18 1.54
C ASN D 142 -18.44 -36.95 2.78
N ASN D 143 -17.62 -35.89 2.71
CA ASN D 143 -16.78 -35.33 3.79
C ASN D 143 -15.91 -36.38 4.52
N PHE D 144 -14.84 -36.83 3.86
CA PHE D 144 -13.94 -37.85 4.38
C PHE D 144 -12.46 -37.42 4.35
N TYR D 145 -11.66 -37.96 5.29
CA TYR D 145 -10.21 -37.71 5.37
C TYR D 145 -9.49 -38.95 5.84
N PRO D 146 -8.41 -39.46 5.18
CA PRO D 146 -7.73 -38.93 3.98
C PRO D 146 -8.46 -39.15 2.64
N ARG D 147 -7.84 -38.68 1.54
CA ARG D 147 -8.31 -38.70 0.15
C ARG D 147 -8.49 -40.12 -0.39
N GLU D 148 -7.62 -41.02 0.06
CA GLU D 148 -7.61 -42.43 -0.36
C GLU D 148 -8.88 -43.15 0.07
N ALA D 149 -9.51 -43.77 -0.91
CA ALA D 149 -10.75 -44.56 -0.77
C ALA D 149 -10.93 -45.41 -1.99
N LYS D 150 -11.54 -46.58 -1.81
CA LYS D 150 -11.83 -47.53 -2.88
C LYS D 150 -13.34 -47.66 -2.98
N VAL D 151 -13.85 -47.45 -4.19
CA VAL D 151 -15.26 -47.54 -4.53
C VAL D 151 -15.44 -48.67 -5.55
N GLN D 152 -16.22 -49.68 -5.18
CA GLN D 152 -16.49 -50.85 -6.03
C GLN D 152 -17.96 -50.90 -6.40
N TRP D 153 -18.23 -51.00 -7.70
CA TRP D 153 -19.60 -51.12 -8.18
C TRP D 153 -19.98 -52.59 -8.28
N LYS D 154 -21.09 -52.95 -7.65
CA LYS D 154 -21.69 -54.29 -7.68
C LYS D 154 -23.12 -54.21 -8.29
N VAL D 155 -23.38 -54.97 -9.38
CA VAL D 155 -24.71 -55.03 -10.04
C VAL D 155 -25.18 -56.49 -9.98
N ASP D 156 -26.20 -56.78 -9.14
CA ASP D 156 -26.70 -58.15 -8.85
C ASP D 156 -25.56 -59.06 -8.30
N ASN D 157 -24.66 -58.46 -7.46
CA ASN D 157 -23.45 -59.04 -6.86
C ASN D 157 -22.31 -59.25 -7.86
N ALA D 158 -22.44 -58.76 -9.10
CA ALA D 158 -21.35 -58.86 -10.07
C ALA D 158 -20.49 -57.56 -9.98
N LEU D 159 -19.19 -57.75 -9.72
CA LEU D 159 -18.18 -56.71 -9.59
C LEU D 159 -17.96 -56.08 -10.97
N GLN D 160 -18.16 -54.74 -11.06
CA GLN D 160 -17.99 -53.99 -12.31
C GLN D 160 -16.58 -53.53 -12.56
N SER D 161 -16.21 -53.40 -13.84
CA SER D 161 -14.90 -52.94 -14.28
C SER D 161 -15.03 -52.18 -15.61
N GLY D 162 -14.29 -51.07 -15.71
CA GLY D 162 -14.21 -50.24 -16.92
C GLY D 162 -15.41 -49.40 -17.33
N ASN D 163 -16.49 -49.41 -16.53
CA ASN D 163 -17.74 -48.66 -16.83
C ASN D 163 -18.10 -47.56 -15.77
N SER D 164 -17.10 -47.10 -15.00
CA SER D 164 -17.30 -46.06 -13.99
C SER D 164 -16.20 -44.98 -14.04
N GLN D 165 -16.52 -43.76 -13.59
CA GLN D 165 -15.60 -42.62 -13.55
C GLN D 165 -15.74 -41.94 -12.22
N GLU D 166 -14.62 -41.50 -11.69
CA GLU D 166 -14.60 -40.85 -10.40
C GLU D 166 -14.20 -39.38 -10.52
N SER D 167 -14.67 -38.60 -9.56
CA SER D 167 -14.31 -37.21 -9.42
C SER D 167 -14.20 -36.88 -7.96
N VAL D 168 -13.19 -36.13 -7.59
CA VAL D 168 -12.91 -35.75 -6.21
C VAL D 168 -12.77 -34.23 -6.10
N THR D 169 -13.42 -33.65 -5.07
CA THR D 169 -13.34 -32.21 -4.85
C THR D 169 -11.98 -31.86 -4.28
N GLU D 170 -11.62 -30.57 -4.31
CA GLU D 170 -10.42 -30.13 -3.62
C GLU D 170 -10.72 -30.11 -2.10
N GLN D 171 -9.68 -30.01 -1.24
CA GLN D 171 -9.88 -30.01 0.20
C GLN D 171 -10.80 -28.88 0.64
N ASP D 172 -11.78 -29.17 1.49
CA ASP D 172 -12.75 -28.18 1.94
C ASP D 172 -12.10 -27.11 2.83
N SER D 173 -12.44 -25.84 2.60
CA SER D 173 -11.87 -24.71 3.36
C SER D 173 -12.33 -24.66 4.81
N LYS D 174 -13.46 -25.31 5.17
CA LYS D 174 -13.94 -25.28 6.54
C LYS D 174 -13.58 -26.54 7.35
N ASP D 175 -13.96 -27.77 6.88
CA ASP D 175 -13.63 -28.98 7.66
C ASP D 175 -12.35 -29.73 7.22
N SER D 176 -11.72 -29.31 6.11
CA SER D 176 -10.49 -29.92 5.56
C SER D 176 -10.68 -31.36 5.03
N THR D 177 -11.91 -31.74 4.73
CA THR D 177 -12.21 -33.07 4.17
C THR D 177 -12.37 -33.00 2.66
N TYR D 178 -12.58 -34.18 2.07
CA TYR D 178 -12.81 -34.38 0.64
C TYR D 178 -14.14 -35.03 0.42
N SER D 179 -14.69 -34.87 -0.79
CA SER D 179 -15.90 -35.56 -1.23
C SER D 179 -15.61 -36.22 -2.56
N LEU D 180 -16.19 -37.37 -2.81
CA LEU D 180 -15.89 -38.10 -4.04
C LEU D 180 -17.20 -38.63 -4.65
N SER D 181 -17.26 -38.67 -5.96
CA SER D 181 -18.41 -39.21 -6.67
C SER D 181 -17.91 -40.25 -7.63
N SER D 182 -18.65 -41.36 -7.75
CA SER D 182 -18.39 -42.41 -8.72
C SER D 182 -19.65 -42.55 -9.56
N THR D 183 -19.48 -42.53 -10.88
CA THR D 183 -20.62 -42.64 -11.77
C THR D 183 -20.52 -43.89 -12.59
N LEU D 184 -21.51 -44.77 -12.42
CA LEU D 184 -21.60 -46.00 -13.22
C LEU D 184 -22.52 -45.69 -14.41
N THR D 185 -21.99 -45.82 -15.64
CA THR D 185 -22.77 -45.57 -16.83
C THR D 185 -23.07 -46.89 -17.57
N LEU D 186 -24.36 -47.15 -17.81
CA LEU D 186 -24.88 -48.31 -18.55
C LEU D 186 -25.95 -47.82 -19.54
N SER D 187 -26.19 -48.59 -20.63
CA SER D 187 -27.27 -48.30 -21.58
C SER D 187 -28.60 -48.56 -20.87
N LYS D 188 -29.72 -47.98 -21.37
CA LYS D 188 -31.05 -48.21 -20.78
C LYS D 188 -31.38 -49.72 -20.75
N ALA D 189 -31.04 -50.44 -21.85
CA ALA D 189 -31.26 -51.88 -22.01
C ALA D 189 -30.52 -52.65 -20.90
N ASP D 190 -29.17 -52.53 -20.84
CA ASP D 190 -28.32 -53.17 -19.79
C ASP D 190 -28.81 -52.83 -18.40
N TYR D 191 -29.20 -51.58 -18.15
CA TYR D 191 -29.71 -51.18 -16.85
C TYR D 191 -30.96 -51.97 -16.45
N GLU D 192 -31.87 -52.17 -17.41
CA GLU D 192 -33.15 -52.84 -17.15
C GLU D 192 -33.02 -54.34 -16.88
N LYS D 193 -31.91 -54.97 -17.31
CA LYS D 193 -31.62 -56.40 -17.08
C LYS D 193 -31.36 -56.76 -15.60
N HIS D 194 -31.18 -55.76 -14.68
CA HIS D 194 -30.80 -56.08 -13.29
C HIS D 194 -31.71 -55.50 -12.21
N LYS D 195 -31.59 -55.96 -10.97
CA LYS D 195 -32.46 -55.44 -9.90
C LYS D 195 -31.72 -54.71 -8.79
N VAL D 196 -30.50 -55.17 -8.40
CA VAL D 196 -29.77 -54.55 -7.30
C VAL D 196 -28.50 -53.87 -7.79
N TYR D 197 -28.44 -52.57 -7.49
CA TYR D 197 -27.28 -51.75 -7.80
C TYR D 197 -26.72 -51.33 -6.46
N ALA D 198 -25.45 -51.68 -6.25
CA ALA D 198 -24.78 -51.39 -4.97
C ALA D 198 -23.40 -50.79 -5.17
N CYS D 199 -23.04 -49.96 -4.20
N CYS D 199 -23.03 -49.86 -4.26
CA CYS D 199 -21.75 -49.30 -4.18
CA CYS D 199 -21.67 -49.31 -4.28
C CYS D 199 -21.05 -49.68 -2.89
C CYS D 199 -21.00 -49.60 -2.94
N GLU D 200 -19.85 -50.28 -3.00
CA GLU D 200 -19.04 -50.70 -1.83
C GLU D 200 -17.87 -49.74 -1.59
N VAL D 201 -17.83 -49.14 -0.39
CA VAL D 201 -16.82 -48.14 -0.02
C VAL D 201 -15.84 -48.64 1.04
N THR D 202 -14.56 -48.70 0.66
CA THR D 202 -13.43 -49.02 1.53
C THR D 202 -12.71 -47.70 1.83
N HIS D 203 -12.42 -47.44 3.14
CA HIS D 203 -11.74 -46.23 3.63
C HIS D 203 -11.18 -46.51 5.01
N GLN D 204 -10.01 -45.88 5.31
CA GLN D 204 -9.28 -45.93 6.57
C GLN D 204 -10.16 -45.69 7.78
N GLY D 205 -11.17 -44.82 7.64
CA GLY D 205 -12.10 -44.43 8.70
C GLY D 205 -13.24 -45.38 8.94
N LEU D 206 -13.33 -46.48 8.13
CA LEU D 206 -14.38 -47.49 8.27
C LEU D 206 -13.76 -48.81 8.72
N SER D 207 -14.32 -49.39 9.81
CA SER D 207 -13.89 -50.68 10.41
C SER D 207 -14.07 -51.86 9.41
N SER D 208 -15.19 -51.84 8.68
CA SER D 208 -15.52 -52.81 7.63
C SER D 208 -16.17 -52.05 6.46
N PRO D 209 -15.97 -52.45 5.18
CA PRO D 209 -16.58 -51.72 4.06
C PRO D 209 -18.06 -51.44 4.22
N VAL D 210 -18.49 -50.26 3.77
CA VAL D 210 -19.88 -49.81 3.84
C VAL D 210 -20.49 -49.98 2.44
N THR D 211 -21.72 -50.53 2.40
CA THR D 211 -22.46 -50.77 1.16
C THR D 211 -23.80 -50.08 1.21
N LYS D 212 -24.14 -49.39 0.14
CA LYS D 212 -25.42 -48.73 -0.06
C LYS D 212 -25.96 -49.27 -1.37
N SER D 213 -27.24 -49.63 -1.39
CA SER D 213 -27.87 -50.25 -2.57
C SER D 213 -29.32 -49.83 -2.76
N PHE D 214 -29.83 -50.13 -3.96
CA PHE D 214 -31.23 -49.93 -4.32
C PHE D 214 -31.69 -51.05 -5.22
N ASN D 215 -33.03 -51.26 -5.23
CA ASN D 215 -33.72 -52.21 -6.09
C ASN D 215 -34.37 -51.44 -7.24
N ARG D 216 -34.12 -51.85 -8.49
CA ARG D 216 -34.66 -51.21 -9.70
C ARG D 216 -36.19 -51.21 -9.71
N GLY D 217 -36.78 -52.36 -9.43
CA GLY D 217 -38.22 -52.55 -9.37
C GLY D 217 -38.84 -51.85 -8.18
N GLU D 218 -38.22 -52.00 -6.98
CA GLU D 218 -38.70 -51.38 -5.75
C GLU D 218 -38.28 -49.92 -5.63
N CYS D 219 -38.44 -49.33 -4.41
CA CYS D 219 -38.08 -47.95 -4.03
C CYS D 219 -38.39 -47.66 -2.57
C35 12P E . 0.68 2.41 -11.96
O34 12P E . 0.34 3.31 -10.89
C33 12P E . -1.04 3.43 -10.64
C32 12P E . -1.35 4.38 -9.52
O31 12P E . -0.84 3.91 -8.27
C30 12P E . -1.44 4.54 -7.14
C29 12P E . -1.94 3.52 -6.18
O28 12P E . -3.09 4.05 -5.54
C27 12P E . -3.59 3.23 -4.50
C26 12P E . -4.44 4.03 -3.57
O25 12P E . -5.79 3.59 -3.65
C24 12P E . -6.60 4.15 -2.62
C23 12P E . -7.79 4.83 -3.20
O22 12P E . -7.92 6.07 -2.55
C21 12P E . -9.19 6.33 -2.03
C20 12P E . -9.03 6.50 -0.57
O19 12P E . -10.20 6.99 0.01
C18 12P E . -10.63 6.23 1.14
C17 12P E . -11.64 5.22 0.70
O16 12P E . -12.05 4.43 1.80
C15 12P E . -13.46 4.37 1.96
C14 12P E . -13.97 3.05 1.49
O13 12P E . -13.03 2.02 1.78
C12 12P E . -12.54 1.38 0.60
C11 12P E . -12.35 -0.09 0.83
O10 12P E . -11.23 -0.32 1.66
C9 12P E . -11.36 -1.50 2.42
C8 12P E . -11.00 -1.20 3.83
O7 12P E . -11.30 -2.31 4.65
C6 12P E . -10.96 -2.03 6.00
#